data_7F2K
#
_entry.id   7F2K
#
_cell.length_a   58.063
_cell.length_b   80.697
_cell.length_c   163.385
_cell.angle_alpha   90.000
_cell.angle_beta   90.000
_cell.angle_gamma   90.000
#
_symmetry.space_group_name_H-M   'P 21 21 21'
#
loop_
_entity.id
_entity.type
_entity.pdbx_description
1 polymer "Isoform 3 of cAMP-specific 3',5'-cyclic phosphodiesterase 4D"
2 non-polymer 'ZINC ION'
3 non-polymer 'MAGNESIUM ION'
4 non-polymer '(~{E})-4-[8-methoxy-2,2-dimethyl-7-(3-methylbut-2-enyl)-9-oxidanyl-6-oxidanylidene-pyrano[3,2-b]xanthen-5-yl]oxybut-2-enoic acid'
5 water water
#
_entity_poly.entity_id   1
_entity_poly.type   'polypeptide(L)'
_entity_poly.pdbx_seq_one_letter_code
;MASNKFKRMLNRELTHLSEMSRSGNQVSEFISNTFLDKQHEVEIPSPTQKEKEKKKRPMSQISGVKKLMHSSSLTNSSIP
RFGVKTEQEDVLAKELEDVNKWGLHVFRIAELSGNRPLTVIMHTIFQERDLLKTFKIPVDTLITYLMTLEDHYHADVAYH
NNIHAADVVQSTHVLLSTPALEAVFTDLEILAAIFASAIHDVDHPGVSNQFLINTNSELALMYNDSSVLENHHLAVGFKL
LQEENCDIFQNLTKKQRQSLRKMVIDIVLATDMSKHMNLLADLKTMVETKKVTSSGVLLLDNYSDRIQVLQNMVHCADLS
NPTKPLQLYRQWTDRIMEEFFRQGDRERERGMEISPMCDKHNASVEKSQVGFIDYIVHPLWETWADLVHPDAQDILDTLE
DNREWYQSTIPQSPSPAPDDPEEGRQGQTEKFQFELTLEEDGESDTEKDSGSQVEEDTSCSDSKTLCTQDSESTEIPLDE
QVEEEAVGEEEESQPEACVIDDRSPDT
;
_entity_poly.pdbx_strand_id   A,B
#
# COMPACT_ATOMS: atom_id res chain seq x y z
N GLN A 88 31.36 -29.71 -16.08
CA GLN A 88 30.94 -28.53 -15.33
C GLN A 88 29.54 -28.73 -14.73
N GLU A 89 28.67 -29.40 -15.49
CA GLU A 89 27.34 -29.70 -14.99
C GLU A 89 27.38 -30.70 -13.85
N ASP A 90 28.41 -31.55 -13.80
CA ASP A 90 28.50 -32.53 -12.71
C ASP A 90 28.93 -31.86 -11.41
N VAL A 91 29.84 -30.88 -11.51
CA VAL A 91 30.24 -30.09 -10.34
C VAL A 91 29.04 -29.34 -9.78
N LEU A 92 28.31 -28.62 -10.65
CA LEU A 92 27.10 -27.91 -10.24
C LEU A 92 26.13 -28.86 -9.54
N ALA A 93 25.86 -30.02 -10.15
CA ALA A 93 24.95 -30.96 -9.53
C ALA A 93 25.46 -31.43 -8.19
N LYS A 94 26.78 -31.55 -8.04
CA LYS A 94 27.34 -31.88 -6.74
C LYS A 94 27.07 -30.78 -5.73
N GLU A 95 27.31 -29.51 -6.12
CA GLU A 95 27.07 -28.40 -5.19
C GLU A 95 25.59 -28.26 -4.84
N LEU A 96 24.71 -28.61 -5.78
CA LEU A 96 23.28 -28.53 -5.52
C LEU A 96 22.79 -29.61 -4.57
N GLU A 97 23.64 -30.59 -4.25
CA GLU A 97 23.29 -31.54 -3.19
C GLU A 97 23.21 -30.88 -1.83
N ASP A 98 23.74 -29.67 -1.66
CA ASP A 98 23.76 -29.00 -0.37
C ASP A 98 22.55 -28.10 -0.15
N VAL A 99 21.56 -28.16 -1.05
CA VAL A 99 20.45 -27.22 -1.02
C VAL A 99 19.68 -27.23 0.29
N ASN A 100 19.78 -28.31 1.07
CA ASN A 100 19.15 -28.34 2.37
C ASN A 100 20.05 -27.82 3.49
N LYS A 101 21.24 -27.33 3.17
CA LYS A 101 22.21 -26.99 4.20
C LYS A 101 22.35 -25.47 4.32
N TRP A 102 22.41 -25.00 5.55
CA TRP A 102 22.70 -23.59 5.80
C TRP A 102 24.11 -23.29 5.33
N GLY A 103 24.27 -22.23 4.55
CA GLY A 103 25.62 -21.97 4.13
C GLY A 103 26.04 -22.74 2.90
N LEU A 104 25.08 -23.26 2.14
CA LEU A 104 25.26 -23.58 0.72
C LEU A 104 26.20 -22.57 0.11
N HIS A 105 27.03 -22.93 -0.87
CA HIS A 105 27.87 -21.88 -1.44
C HIS A 105 27.18 -21.30 -2.65
N VAL A 106 26.36 -20.28 -2.40
CA VAL A 106 25.50 -19.75 -3.45
C VAL A 106 26.33 -19.08 -4.54
N PHE A 107 27.48 -18.49 -4.18
CA PHE A 107 28.30 -17.80 -5.18
C PHE A 107 28.94 -18.77 -6.15
N ARG A 108 29.45 -19.91 -5.66
CA ARG A 108 29.98 -20.91 -6.58
C ARG A 108 28.90 -21.42 -7.52
N ILE A 109 27.73 -21.71 -6.98
CA ILE A 109 26.60 -22.16 -7.78
C ILE A 109 26.25 -21.11 -8.84
N ALA A 110 26.31 -19.83 -8.49
CA ALA A 110 26.07 -18.80 -9.52
C ALA A 110 27.06 -18.94 -10.66
N GLU A 111 28.36 -19.10 -10.35
CA GLU A 111 29.37 -19.25 -11.38
C GLU A 111 29.17 -20.54 -12.17
N LEU A 112 28.98 -21.66 -11.46
CA LEU A 112 28.84 -22.95 -12.09
C LEU A 112 27.57 -23.04 -12.94
N SER A 113 26.59 -22.17 -12.70
CA SER A 113 25.34 -22.22 -13.44
C SER A 113 25.27 -21.15 -14.52
N GLY A 114 26.34 -20.43 -14.78
CA GLY A 114 26.31 -19.41 -15.81
C GLY A 114 25.40 -18.27 -15.44
N ASN A 115 25.54 -17.79 -14.20
CA ASN A 115 24.71 -16.72 -13.64
C ASN A 115 23.23 -17.07 -13.67
N ARG A 116 22.91 -18.32 -13.36
CA ARG A 116 21.53 -18.73 -13.13
C ARG A 116 21.34 -19.33 -11.73
N PRO A 117 21.83 -18.68 -10.65
CA PRO A 117 21.60 -19.29 -9.34
C PRO A 117 20.13 -19.37 -8.97
N LEU A 118 19.32 -18.38 -9.35
CA LEU A 118 17.90 -18.37 -8.98
C LEU A 118 17.14 -19.51 -9.64
N THR A 119 17.36 -19.71 -10.94
CA THR A 119 16.69 -20.78 -11.69
C THR A 119 17.07 -22.16 -11.14
N VAL A 120 18.38 -22.46 -11.01
CA VAL A 120 18.74 -23.83 -10.69
C VAL A 120 18.41 -24.14 -9.24
N ILE A 121 18.54 -23.16 -8.33
CA ILE A 121 18.22 -23.44 -6.93
C ILE A 121 16.72 -23.57 -6.74
N MET A 122 15.93 -22.71 -7.38
CA MET A 122 14.47 -22.85 -7.36
C MET A 122 14.04 -24.19 -7.94
N HIS A 123 14.67 -24.60 -9.04
CA HIS A 123 14.28 -25.85 -9.67
C HIS A 123 14.60 -27.03 -8.77
N THR A 124 15.81 -27.05 -8.22
CA THR A 124 16.21 -28.06 -7.25
C THR A 124 15.22 -28.15 -6.09
N ILE A 125 14.86 -26.99 -5.54
CA ILE A 125 14.00 -26.97 -4.36
C ILE A 125 12.63 -27.52 -4.71
N PHE A 126 12.07 -27.09 -5.85
CA PHE A 126 10.77 -27.62 -6.26
C PHE A 126 10.84 -29.13 -6.47
N GLN A 127 11.91 -29.62 -7.12
CA GLN A 127 12.12 -31.06 -7.21
C GLN A 127 12.15 -31.69 -5.83
N GLU A 128 13.00 -31.15 -4.95
CA GLU A 128 13.19 -31.74 -3.61
C GLU A 128 11.88 -31.81 -2.83
N ARG A 129 11.06 -30.76 -2.92
CA ARG A 129 9.78 -30.71 -2.24
C ARG A 129 8.64 -31.30 -3.06
N ASP A 130 8.93 -31.83 -4.25
CA ASP A 130 7.93 -32.50 -5.09
C ASP A 130 6.82 -31.55 -5.49
N LEU A 131 7.17 -30.27 -5.66
CA LEU A 131 6.13 -29.26 -5.87
C LEU A 131 5.57 -29.35 -7.28
N LEU A 132 6.39 -29.79 -8.25
CA LEU A 132 5.89 -29.93 -9.61
C LEU A 132 4.73 -30.92 -9.68
N LYS A 133 4.88 -32.08 -9.03
CA LYS A 133 3.80 -33.06 -9.06
C LYS A 133 2.62 -32.58 -8.23
N THR A 134 2.88 -32.00 -7.05
CA THR A 134 1.79 -31.58 -6.18
C THR A 134 0.89 -30.54 -6.88
N PHE A 135 1.49 -29.60 -7.61
CA PHE A 135 0.73 -28.50 -8.21
C PHE A 135 0.65 -28.61 -9.71
N LYS A 136 0.99 -29.78 -10.26
CA LYS A 136 0.93 -30.02 -11.70
C LYS A 136 1.63 -28.91 -12.46
N ILE A 137 2.83 -28.55 -12.01
CA ILE A 137 3.62 -27.51 -12.66
C ILE A 137 4.43 -28.18 -13.79
N PRO A 138 4.22 -27.81 -15.05
CA PRO A 138 5.03 -28.39 -16.12
C PRO A 138 6.46 -27.91 -16.00
N VAL A 139 7.40 -28.86 -16.11
CA VAL A 139 8.82 -28.54 -16.00
C VAL A 139 9.19 -27.37 -16.90
N ASP A 140 8.74 -27.39 -18.16
CA ASP A 140 9.15 -26.34 -19.10
C ASP A 140 8.61 -24.98 -18.69
N THR A 141 7.38 -24.95 -18.17
CA THR A 141 6.81 -23.71 -17.65
C THR A 141 7.63 -23.17 -16.49
N LEU A 142 8.03 -24.04 -15.56
CA LEU A 142 8.81 -23.60 -14.41
C LEU A 142 10.12 -22.93 -14.87
N ILE A 143 10.89 -23.62 -15.71
CA ILE A 143 12.17 -23.07 -16.18
C ILE A 143 11.95 -21.76 -16.92
N THR A 144 10.89 -21.69 -17.71
CA THR A 144 10.66 -20.48 -18.50
C THR A 144 10.36 -19.31 -17.58
N TYR A 145 9.48 -19.52 -16.59
CA TYR A 145 9.21 -18.45 -15.63
C TYR A 145 10.47 -18.10 -14.85
N LEU A 146 11.18 -19.11 -14.33
CA LEU A 146 12.35 -18.83 -13.51
C LEU A 146 13.37 -18.02 -14.29
N MET A 147 13.58 -18.34 -15.57
CA MET A 147 14.57 -17.58 -16.34
C MET A 147 14.11 -16.15 -16.60
N THR A 148 12.85 -15.97 -16.96
CA THR A 148 12.30 -14.63 -17.13
C THR A 148 12.40 -13.81 -15.85
N LEU A 149 12.09 -14.44 -14.71
CA LEU A 149 12.18 -13.75 -13.42
C LEU A 149 13.62 -13.38 -13.09
N GLU A 150 14.54 -14.33 -13.25
CA GLU A 150 15.95 -14.05 -13.01
C GLU A 150 16.44 -12.90 -13.89
N ASP A 151 15.95 -12.82 -15.15
CA ASP A 151 16.38 -11.76 -16.07
C ASP A 151 16.03 -10.38 -15.56
N HIS A 152 14.92 -10.25 -14.83
CA HIS A 152 14.50 -8.93 -14.35
C HIS A 152 15.14 -8.52 -13.03
N TYR A 153 16.01 -9.33 -12.44
CA TYR A 153 16.99 -8.84 -11.48
C TYR A 153 18.13 -8.18 -12.26
N HIS A 154 18.67 -7.09 -11.72
CA HIS A 154 19.73 -6.34 -12.40
C HIS A 154 21.09 -6.99 -12.12
N ALA A 155 21.79 -7.40 -13.18
CA ALA A 155 23.15 -7.90 -12.99
C ALA A 155 24.15 -6.79 -12.59
N ASP A 156 23.85 -5.51 -12.84
CA ASP A 156 24.76 -4.42 -12.50
C ASP A 156 24.45 -3.78 -11.15
N VAL A 157 23.76 -4.48 -10.27
CA VAL A 157 23.50 -4.02 -8.91
C VAL A 157 24.24 -5.00 -8.02
N ALA A 158 25.08 -4.47 -7.12
CA ALA A 158 26.07 -5.35 -6.50
C ALA A 158 25.46 -6.28 -5.47
N TYR A 159 24.40 -5.86 -4.77
CA TYR A 159 23.78 -6.68 -3.73
C TYR A 159 22.40 -7.19 -4.13
N HIS A 160 21.48 -6.29 -4.47
CA HIS A 160 20.07 -6.71 -4.68
C HIS A 160 19.89 -7.27 -6.09
N ASN A 161 20.53 -8.41 -6.34
CA ASN A 161 20.49 -9.09 -7.62
C ASN A 161 19.95 -10.52 -7.48
N ASN A 162 20.13 -11.29 -8.56
CA ASN A 162 19.64 -12.67 -8.59
C ASN A 162 20.40 -13.59 -7.65
N ILE A 163 21.65 -13.28 -7.28
CA ILE A 163 22.33 -14.09 -6.27
C ILE A 163 21.67 -13.93 -4.90
N HIS A 164 21.41 -12.67 -4.49
CA HIS A 164 20.65 -12.42 -3.27
C HIS A 164 19.31 -13.16 -3.28
N ALA A 165 18.59 -13.12 -4.41
CA ALA A 165 17.28 -13.78 -4.48
C ALA A 165 17.42 -15.29 -4.28
N ALA A 166 18.37 -15.92 -4.97
CA ALA A 166 18.58 -17.35 -4.78
C ALA A 166 18.93 -17.67 -3.33
N ASP A 167 19.69 -16.78 -2.70
CA ASP A 167 20.14 -17.00 -1.34
C ASP A 167 18.97 -16.96 -0.36
N VAL A 168 18.02 -16.07 -0.61
CA VAL A 168 16.87 -15.93 0.29
C VAL A 168 15.90 -17.08 0.10
N VAL A 169 15.66 -17.48 -1.15
CA VAL A 169 14.93 -18.71 -1.47
C VAL A 169 15.50 -19.89 -0.69
N GLN A 170 16.80 -20.12 -0.84
CA GLN A 170 17.45 -21.28 -0.23
C GLN A 170 17.44 -21.17 1.30
N SER A 171 17.60 -19.96 1.83
CA SER A 171 17.55 -19.81 3.28
C SER A 171 16.14 -20.00 3.81
N THR A 172 15.15 -19.44 3.12
CA THR A 172 13.76 -19.72 3.46
C THR A 172 13.47 -21.21 3.36
N HIS A 173 14.01 -21.89 2.34
CA HIS A 173 13.82 -23.32 2.18
C HIS A 173 14.33 -24.11 3.39
N VAL A 174 15.50 -23.74 3.92
CA VAL A 174 16.03 -24.41 5.09
C VAL A 174 15.20 -24.06 6.33
N LEU A 175 14.84 -22.78 6.50
CA LEU A 175 14.05 -22.40 7.66
C LEU A 175 12.70 -23.14 7.68
N LEU A 176 12.15 -23.48 6.51
CA LEU A 176 10.88 -24.20 6.48
C LEU A 176 11.00 -25.63 6.96
N SER A 177 12.21 -26.19 6.92
CA SER A 177 12.44 -27.58 7.25
C SER A 177 12.78 -27.78 8.72
N THR A 178 12.69 -26.75 9.53
CA THR A 178 13.10 -26.87 10.91
C THR A 178 12.14 -27.83 11.65
N PRO A 179 12.68 -28.70 12.51
CA PRO A 179 11.81 -29.66 13.25
C PRO A 179 10.59 -29.04 13.91
N ALA A 180 10.73 -27.88 14.57
CA ALA A 180 9.61 -27.27 15.29
C ALA A 180 8.46 -26.84 14.38
N LEU A 181 8.63 -26.90 13.06
CA LEU A 181 7.58 -26.50 12.11
C LEU A 181 7.08 -27.66 11.29
N GLU A 182 7.50 -28.89 11.61
CA GLU A 182 7.17 -30.05 10.77
C GLU A 182 5.66 -30.25 10.72
N ALA A 183 5.14 -30.37 9.49
CA ALA A 183 3.71 -30.44 9.17
C ALA A 183 2.90 -29.23 9.67
N VAL A 184 3.52 -28.07 9.89
CA VAL A 184 2.73 -26.91 10.33
C VAL A 184 2.06 -26.22 9.15
N PHE A 185 2.78 -26.09 8.03
CA PHE A 185 2.30 -25.31 6.89
C PHE A 185 1.86 -26.24 5.78
N THR A 186 0.80 -25.86 5.07
CA THR A 186 0.36 -26.65 3.95
C THR A 186 1.33 -26.52 2.79
N ASP A 187 1.17 -27.42 1.82
CA ASP A 187 1.91 -27.33 0.57
C ASP A 187 1.75 -25.96 -0.09
N LEU A 188 0.55 -25.37 -0.03
CA LEU A 188 0.33 -24.07 -0.66
C LEU A 188 1.09 -22.97 0.07
N GLU A 189 1.16 -23.05 1.41
CA GLU A 189 1.87 -22.05 2.19
C GLU A 189 3.37 -22.15 1.97
N ILE A 190 3.90 -23.38 1.87
CA ILE A 190 5.30 -23.55 1.49
C ILE A 190 5.56 -22.95 0.12
N LEU A 191 4.66 -23.21 -0.84
CA LEU A 191 4.80 -22.60 -2.16
C LEU A 191 4.84 -21.08 -2.09
N ALA A 192 3.95 -20.50 -1.28
CA ALA A 192 3.89 -19.04 -1.19
C ALA A 192 5.18 -18.47 -0.65
N ALA A 193 5.73 -19.10 0.39
CA ALA A 193 6.92 -18.54 1.03
C ALA A 193 8.12 -18.63 0.12
N ILE A 194 8.25 -19.75 -0.58
CA ILE A 194 9.34 -19.92 -1.55
C ILE A 194 9.14 -19.00 -2.75
N PHE A 195 7.92 -18.94 -3.29
CA PHE A 195 7.68 -18.02 -4.40
C PHE A 195 7.93 -16.57 -3.97
N ALA A 196 7.41 -16.16 -2.81
CA ALA A 196 7.66 -14.81 -2.32
C ALA A 196 9.14 -14.51 -2.19
N SER A 197 9.91 -15.46 -1.65
CA SER A 197 11.36 -15.24 -1.52
C SER A 197 12.01 -15.03 -2.87
N ALA A 198 11.53 -15.72 -3.91
CA ALA A 198 12.16 -15.63 -5.23
C ALA A 198 11.92 -14.28 -5.90
N ILE A 199 10.72 -13.71 -5.72
CA ILE A 199 10.38 -12.44 -6.36
C ILE A 199 10.66 -11.25 -5.46
N HIS A 200 11.11 -11.48 -4.22
CA HIS A 200 10.95 -10.43 -3.20
C HIS A 200 11.74 -9.15 -3.50
N ASP A 201 12.74 -9.18 -4.37
CA ASP A 201 13.51 -7.97 -4.71
C ASP A 201 13.63 -7.76 -6.23
N VAL A 202 12.80 -8.43 -7.04
CA VAL A 202 12.99 -8.39 -8.48
C VAL A 202 12.95 -6.95 -8.98
N ASP A 203 13.82 -6.63 -9.94
CA ASP A 203 13.91 -5.26 -10.52
C ASP A 203 14.30 -4.22 -9.49
N HIS A 204 14.97 -4.63 -8.43
CA HIS A 204 15.53 -3.65 -7.50
C HIS A 204 16.51 -2.78 -8.25
N PRO A 205 16.39 -1.44 -8.22
CA PRO A 205 17.38 -0.60 -8.91
C PRO A 205 18.61 -0.26 -8.10
N GLY A 206 18.73 -0.77 -6.88
CA GLY A 206 19.95 -0.56 -6.11
C GLY A 206 19.99 0.72 -5.33
N VAL A 207 18.87 1.42 -5.20
CA VAL A 207 18.75 2.56 -4.30
C VAL A 207 17.61 2.27 -3.33
N SER A 208 17.60 2.99 -2.20
CA SER A 208 16.64 2.69 -1.15
C SER A 208 15.30 3.38 -1.41
N ASN A 209 14.28 2.91 -0.67
CA ASN A 209 12.98 3.57 -0.70
C ASN A 209 13.11 5.07 -0.44
N GLN A 210 13.95 5.45 0.53
CA GLN A 210 14.05 6.85 0.92
C GLN A 210 14.68 7.68 -0.18
N PHE A 211 15.65 7.09 -0.89
CA PHE A 211 16.25 7.78 -2.04
C PHE A 211 15.21 7.99 -3.13
N LEU A 212 14.40 6.97 -3.39
CA LEU A 212 13.40 7.07 -4.45
C LEU A 212 12.35 8.10 -4.09
N ILE A 213 12.03 8.22 -2.81
CA ILE A 213 11.10 9.26 -2.35
C ILE A 213 11.72 10.63 -2.53
N ASN A 214 12.95 10.82 -2.01
CA ASN A 214 13.62 12.12 -2.00
C ASN A 214 13.96 12.62 -3.39
N THR A 215 14.13 11.73 -4.37
CA THR A 215 14.41 12.15 -5.73
C THR A 215 13.14 12.22 -6.57
N ASN A 216 11.97 12.15 -5.94
CA ASN A 216 10.68 12.25 -6.65
C ASN A 216 10.61 11.32 -7.85
N SER A 217 11.15 10.11 -7.67
CA SER A 217 11.17 9.07 -8.69
C SER A 217 9.76 8.71 -9.12
N GLU A 218 9.67 8.16 -10.33
CA GLU A 218 8.42 7.63 -10.85
C GLU A 218 7.88 6.51 -9.97
N LEU A 219 8.76 5.63 -9.49
CA LEU A 219 8.29 4.56 -8.61
C LEU A 219 7.64 5.13 -7.34
N ALA A 220 8.27 6.14 -6.73
CA ALA A 220 7.67 6.70 -5.52
C ALA A 220 6.34 7.37 -5.84
N LEU A 221 6.25 7.97 -7.03
CA LEU A 221 5.03 8.63 -7.47
C LEU A 221 3.92 7.61 -7.74
N MET A 222 4.27 6.45 -8.28
CA MET A 222 3.25 5.45 -8.55
C MET A 222 2.68 4.87 -7.27
N TYR A 223 3.53 4.72 -6.25
CA TYR A 223 3.13 4.00 -5.05
C TYR A 223 2.96 4.92 -3.84
N ASN A 224 2.92 6.24 -4.04
CA ASN A 224 2.57 7.17 -2.97
C ASN A 224 3.46 7.03 -1.73
N ASP A 225 4.76 6.81 -1.98
CA ASP A 225 5.82 6.80 -0.97
C ASP A 225 5.68 5.70 0.07
N SER A 226 4.86 4.69 -0.17
CA SER A 226 4.63 3.64 0.83
C SER A 226 5.10 2.30 0.26
N SER A 227 6.09 1.71 0.91
CA SER A 227 6.64 0.43 0.48
C SER A 227 6.81 0.40 -1.03
N VAL A 228 7.54 1.41 -1.53
CA VAL A 228 7.61 1.65 -2.97
C VAL A 228 8.27 0.48 -3.68
N LEU A 229 9.47 0.12 -3.24
CA LEU A 229 10.16 -1.01 -3.86
C LEU A 229 9.36 -2.29 -3.68
N GLU A 230 8.86 -2.52 -2.47
CA GLU A 230 8.21 -3.79 -2.16
C GLU A 230 6.95 -3.99 -2.99
N ASN A 231 6.16 -2.92 -3.19
CA ASN A 231 4.99 -3.01 -4.07
C ASN A 231 5.42 -3.33 -5.50
N HIS A 232 6.54 -2.75 -5.93
CA HIS A 232 7.02 -2.98 -7.28
C HIS A 232 7.52 -4.41 -7.48
N HIS A 233 8.32 -4.93 -6.54
CA HIS A 233 8.76 -6.32 -6.68
C HIS A 233 7.56 -7.27 -6.84
N LEU A 234 6.49 -7.04 -6.08
CA LEU A 234 5.30 -7.88 -6.20
C LEU A 234 4.66 -7.73 -7.57
N ALA A 235 4.50 -6.48 -8.05
CA ALA A 235 3.83 -6.26 -9.34
C ALA A 235 4.61 -6.87 -10.49
N VAL A 236 5.94 -6.73 -10.47
CA VAL A 236 6.75 -7.36 -11.50
C VAL A 236 6.68 -8.89 -11.39
N GLY A 237 6.86 -9.42 -10.18
CA GLY A 237 6.87 -10.87 -9.99
C GLY A 237 5.58 -11.53 -10.44
N PHE A 238 4.43 -10.88 -10.22
CA PHE A 238 3.15 -11.44 -10.65
C PHE A 238 2.92 -11.21 -12.15
N LYS A 239 3.33 -10.04 -12.66
CA LYS A 239 3.11 -9.75 -14.07
C LYS A 239 3.83 -10.74 -14.98
N LEU A 240 5.07 -11.09 -14.65
CA LEU A 240 5.81 -12.05 -15.44
C LEU A 240 5.11 -13.40 -15.53
N LEU A 241 4.20 -13.73 -14.61
CA LEU A 241 3.46 -14.97 -14.76
C LEU A 241 2.63 -14.98 -16.05
N GLN A 242 2.35 -13.82 -16.62
CA GLN A 242 1.50 -13.71 -17.80
C GLN A 242 2.25 -13.84 -19.12
N GLU A 243 3.59 -13.87 -19.11
CA GLU A 243 4.35 -14.05 -20.33
C GLU A 243 4.16 -15.46 -20.88
N GLU A 244 4.61 -15.66 -22.12
CA GLU A 244 4.35 -16.93 -22.79
C GLU A 244 4.97 -18.10 -22.04
N ASN A 245 4.14 -19.11 -21.74
CA ASN A 245 4.55 -20.34 -21.05
C ASN A 245 5.22 -20.03 -19.70
N CYS A 246 4.71 -19.01 -19.00
CA CYS A 246 5.26 -18.63 -17.71
C CYS A 246 4.31 -18.84 -16.54
N ASP A 247 3.05 -19.26 -16.76
CA ASP A 247 2.13 -19.32 -15.63
C ASP A 247 2.33 -20.63 -14.90
N ILE A 248 3.27 -20.61 -13.94
CA ILE A 248 3.54 -21.79 -13.14
C ILE A 248 2.38 -22.16 -12.24
N PHE A 249 1.38 -21.28 -12.08
CA PHE A 249 0.23 -21.55 -11.23
C PHE A 249 -1.03 -21.93 -12.03
N GLN A 250 -0.86 -22.37 -13.28
CA GLN A 250 -1.98 -22.59 -14.19
C GLN A 250 -2.89 -23.74 -13.75
N ASN A 251 -2.42 -24.66 -12.94
CA ASN A 251 -3.25 -25.79 -12.55
C ASN A 251 -3.67 -25.73 -11.09
N LEU A 252 -3.41 -24.62 -10.41
CA LEU A 252 -4.04 -24.39 -9.11
C LEU A 252 -5.52 -24.09 -9.31
N THR A 253 -6.33 -24.44 -8.33
CA THR A 253 -7.72 -24.02 -8.37
C THR A 253 -7.79 -22.50 -8.15
N LYS A 254 -8.95 -21.92 -8.49
CA LYS A 254 -9.14 -20.48 -8.32
C LYS A 254 -8.95 -20.07 -6.86
N LYS A 255 -9.48 -20.87 -5.94
CA LYS A 255 -9.28 -20.53 -4.54
C LYS A 255 -7.83 -20.71 -4.12
N GLN A 256 -7.11 -21.67 -4.71
CA GLN A 256 -5.69 -21.83 -4.42
C GLN A 256 -4.90 -20.60 -4.88
N ARG A 257 -5.16 -20.15 -6.11
CA ARG A 257 -4.50 -18.95 -6.62
C ARG A 257 -4.76 -17.74 -5.73
N GLN A 258 -6.02 -17.54 -5.36
CA GLN A 258 -6.40 -16.35 -4.60
C GLN A 258 -5.74 -16.37 -3.23
N SER A 259 -5.71 -17.53 -2.59
CA SER A 259 -5.07 -17.65 -1.29
C SER A 259 -3.56 -17.43 -1.39
N LEU A 260 -2.93 -17.94 -2.44
CA LEU A 260 -1.48 -17.81 -2.57
C LEU A 260 -1.09 -16.38 -2.89
N ARG A 261 -1.80 -15.75 -3.83
CA ARG A 261 -1.53 -14.36 -4.14
C ARG A 261 -1.56 -13.50 -2.89
N LYS A 262 -2.61 -13.63 -2.08
CA LYS A 262 -2.74 -12.84 -0.86
C LYS A 262 -1.56 -13.09 0.10
N MET A 263 -1.22 -14.37 0.32
CA MET A 263 -0.10 -14.74 1.19
C MET A 263 1.20 -14.17 0.67
N VAL A 264 1.45 -14.30 -0.64
CA VAL A 264 2.67 -13.77 -1.24
C VAL A 264 2.77 -12.26 -1.06
N ILE A 265 1.64 -11.56 -1.25
CA ILE A 265 1.63 -10.11 -1.03
C ILE A 265 1.94 -9.79 0.43
N ASP A 266 1.24 -10.44 1.37
CA ASP A 266 1.49 -10.18 2.79
C ASP A 266 2.96 -10.39 3.12
N ILE A 267 3.59 -11.41 2.51
CA ILE A 267 4.97 -11.73 2.88
C ILE A 267 5.92 -10.68 2.32
N VAL A 268 5.82 -10.37 1.02
CA VAL A 268 6.78 -9.44 0.45
C VAL A 268 6.63 -8.05 1.05
N LEU A 269 5.40 -7.60 1.31
CA LEU A 269 5.25 -6.27 1.90
C LEU A 269 5.90 -6.19 3.29
N ALA A 270 5.97 -7.31 4.01
CA ALA A 270 6.64 -7.35 5.30
C ALA A 270 8.16 -7.27 5.19
N THR A 271 8.76 -7.32 3.99
CA THR A 271 10.22 -7.19 3.91
C THR A 271 10.66 -5.74 3.85
N ASP A 272 9.73 -4.81 3.76
CA ASP A 272 10.06 -3.40 3.91
C ASP A 272 10.71 -3.20 5.27
N MET A 273 11.96 -2.71 5.30
CA MET A 273 12.67 -2.54 6.57
C MET A 273 12.02 -1.52 7.49
N SER A 274 11.21 -0.60 6.96
CA SER A 274 10.51 0.30 7.87
C SER A 274 9.53 -0.44 8.76
N LYS A 275 9.22 -1.69 8.47
CA LYS A 275 8.29 -2.50 9.24
C LYS A 275 8.98 -3.43 10.22
N HIS A 276 10.32 -3.41 10.27
CA HIS A 276 11.04 -4.40 11.06
C HIS A 276 10.63 -4.36 12.53
N MET A 277 10.52 -3.18 13.13
CA MET A 277 10.27 -3.10 14.57
C MET A 277 8.91 -3.66 14.92
N ASN A 278 7.87 -3.28 14.16
CA ASN A 278 6.54 -3.82 14.44
C ASN A 278 6.49 -5.32 14.19
N LEU A 279 7.22 -5.79 13.18
CA LEU A 279 7.29 -7.23 12.93
C LEU A 279 7.98 -7.95 14.08
N LEU A 280 9.12 -7.41 14.53
CA LEU A 280 9.84 -8.04 15.63
C LEU A 280 9.04 -8.00 16.93
N ALA A 281 8.38 -6.88 17.20
CA ALA A 281 7.57 -6.78 18.42
C ALA A 281 6.46 -7.81 18.41
N ASP A 282 5.91 -8.07 17.23
CA ASP A 282 4.84 -9.04 17.11
C ASP A 282 5.36 -10.46 17.30
N LEU A 283 6.56 -10.74 16.80
CA LEU A 283 7.15 -12.06 16.97
C LEU A 283 7.56 -12.31 18.42
N LYS A 284 8.04 -11.26 19.09
CA LYS A 284 8.33 -11.36 20.52
C LYS A 284 7.08 -11.78 21.29
N THR A 285 5.97 -11.06 21.07
CA THR A 285 4.72 -11.42 21.72
C THR A 285 4.35 -12.88 21.48
N MET A 286 4.52 -13.36 20.23
CA MET A 286 4.16 -14.73 19.93
C MET A 286 5.04 -15.73 20.67
N VAL A 287 6.34 -15.45 20.79
CA VAL A 287 7.22 -16.35 21.53
C VAL A 287 6.81 -16.40 23.00
N GLU A 288 6.41 -15.26 23.56
CA GLU A 288 6.09 -15.21 24.99
C GLU A 288 4.81 -15.97 25.29
N THR A 289 3.87 -15.99 24.36
CA THR A 289 2.64 -16.75 24.46
C THR A 289 2.68 -17.99 23.57
N LYS A 290 3.87 -18.46 23.21
CA LYS A 290 4.00 -19.57 22.28
C LYS A 290 3.28 -20.81 22.78
N LYS A 291 2.56 -21.48 21.88
CA LYS A 291 1.92 -22.75 22.18
C LYS A 291 2.41 -23.84 21.24
N VAL A 292 2.56 -25.04 21.80
CA VAL A 292 3.17 -26.18 21.16
C VAL A 292 2.24 -27.38 21.32
N THR A 293 2.21 -28.23 20.30
CA THR A 293 1.33 -29.40 20.27
C THR A 293 1.92 -30.57 21.06
N SER A 294 1.09 -31.61 21.20
CA SER A 294 1.52 -32.82 21.91
C SER A 294 2.77 -33.42 21.26
N SER A 295 2.88 -33.31 19.93
CA SER A 295 4.07 -33.78 19.22
C SER A 295 5.30 -32.92 19.44
N GLY A 296 5.16 -31.72 20.01
CA GLY A 296 6.29 -30.84 20.23
C GLY A 296 6.48 -29.76 19.19
N VAL A 297 5.50 -29.55 18.32
CA VAL A 297 5.62 -28.68 17.16
C VAL A 297 4.76 -27.44 17.37
N LEU A 298 5.20 -26.34 16.77
CA LEU A 298 4.52 -25.06 16.97
C LEU A 298 3.06 -25.13 16.53
N LEU A 299 2.18 -24.54 17.33
CA LEU A 299 0.75 -24.61 17.07
C LEU A 299 0.28 -23.25 16.56
N LEU A 300 -0.24 -23.22 15.33
CA LEU A 300 -0.67 -21.97 14.70
C LEU A 300 -2.14 -22.07 14.29
N ASP A 301 -2.99 -21.36 15.05
CA ASP A 301 -4.46 -21.51 15.04
C ASP A 301 -5.15 -20.87 13.86
N ASN A 302 -4.55 -19.84 13.28
CA ASN A 302 -5.30 -18.91 12.46
C ASN A 302 -4.36 -18.25 11.46
N TYR A 303 -4.96 -17.62 10.45
CA TYR A 303 -4.15 -17.00 9.41
C TYR A 303 -3.19 -15.99 10.02
N SER A 304 -3.67 -15.20 10.98
CA SER A 304 -2.85 -14.13 11.54
C SER A 304 -1.54 -14.68 12.11
N ASP A 305 -1.60 -15.81 12.84
CA ASP A 305 -0.38 -16.38 13.39
C ASP A 305 0.47 -17.06 12.31
N ARG A 306 -0.17 -17.76 11.38
CA ARG A 306 0.58 -18.44 10.34
C ARG A 306 1.29 -17.44 9.44
N ILE A 307 0.57 -16.39 8.99
CA ILE A 307 1.21 -15.46 8.03
C ILE A 307 2.31 -14.67 8.74
N GLN A 308 2.13 -14.39 10.02
CA GLN A 308 3.15 -13.65 10.76
C GLN A 308 4.43 -14.46 10.90
N VAL A 309 4.30 -15.78 11.09
CA VAL A 309 5.50 -16.62 11.13
C VAL A 309 6.15 -16.71 9.75
N LEU A 310 5.35 -16.83 8.70
CA LEU A 310 5.90 -16.84 7.34
C LEU A 310 6.54 -15.50 6.97
N GLN A 311 5.98 -14.38 7.45
CA GLN A 311 6.54 -13.05 7.17
C GLN A 311 7.90 -12.90 7.84
N ASN A 312 7.98 -13.28 9.12
CA ASN A 312 9.22 -13.20 9.86
C ASN A 312 10.24 -14.20 9.35
N MET A 313 9.79 -15.35 8.86
CA MET A 313 10.72 -16.34 8.33
C MET A 313 11.45 -15.78 7.11
N VAL A 314 10.71 -15.20 6.17
CA VAL A 314 11.32 -14.63 4.97
C VAL A 314 12.15 -13.42 5.32
N HIS A 315 11.69 -12.64 6.31
CA HIS A 315 12.45 -11.49 6.79
C HIS A 315 13.76 -11.94 7.42
N CYS A 316 13.74 -13.06 8.17
CA CYS A 316 15.00 -13.60 8.71
C CYS A 316 15.93 -14.03 7.60
N ALA A 317 15.37 -14.73 6.59
CA ALA A 317 16.16 -15.17 5.44
C ALA A 317 16.76 -13.98 4.70
N ASP A 318 16.00 -12.89 4.60
CA ASP A 318 16.50 -11.65 4.01
C ASP A 318 17.66 -11.04 4.82
N LEU A 319 17.63 -11.18 6.14
CA LEU A 319 18.68 -10.64 7.01
C LEU A 319 19.55 -11.76 7.57
N SER A 320 19.85 -12.75 6.74
CA SER A 320 20.58 -13.92 7.23
C SER A 320 22.06 -13.90 6.88
N ASN A 321 22.52 -12.94 6.07
CA ASN A 321 23.95 -12.89 5.70
C ASN A 321 24.85 -13.01 6.92
N PRO A 322 24.64 -12.30 8.03
CA PRO A 322 25.59 -12.39 9.14
C PRO A 322 25.49 -13.68 9.94
N THR A 323 24.53 -14.55 9.64
CA THR A 323 24.49 -15.87 10.26
C THR A 323 25.20 -16.93 9.43
N LYS A 324 25.74 -16.56 8.29
CA LYS A 324 26.33 -17.53 7.40
C LYS A 324 27.82 -17.65 7.68
N PRO A 325 28.44 -18.74 7.24
CA PRO A 325 29.90 -18.87 7.36
C PRO A 325 30.62 -17.62 6.86
N LEU A 326 31.72 -17.26 7.53
CA LEU A 326 32.31 -15.94 7.39
C LEU A 326 32.72 -15.60 5.96
N GLN A 327 33.20 -16.59 5.20
CA GLN A 327 33.62 -16.29 3.83
C GLN A 327 32.44 -15.87 2.97
N LEU A 328 31.24 -16.36 3.30
CA LEU A 328 30.02 -15.93 2.62
C LEU A 328 29.61 -14.54 3.10
N TYR A 329 29.57 -14.36 4.41
CA TYR A 329 29.16 -13.09 5.00
C TYR A 329 30.03 -11.95 4.49
N ARG A 330 31.34 -12.16 4.42
CA ARG A 330 32.22 -11.08 3.99
C ARG A 330 31.93 -10.65 2.55
N GLN A 331 31.61 -11.59 1.65
CA GLN A 331 31.29 -11.20 0.27
C GLN A 331 29.98 -10.42 0.21
N TRP A 332 28.98 -10.79 1.03
CA TRP A 332 27.76 -9.99 1.12
C TRP A 332 28.04 -8.58 1.63
N THR A 333 28.93 -8.44 2.61
CA THR A 333 29.27 -7.12 3.13
C THR A 333 29.91 -6.26 2.05
N ASP A 334 30.87 -6.84 1.31
CA ASP A 334 31.50 -6.14 0.21
C ASP A 334 30.48 -5.63 -0.80
N ARG A 335 29.46 -6.45 -1.08
CA ARG A 335 28.48 -6.09 -2.10
C ARG A 335 27.49 -5.04 -1.61
N ILE A 336 27.03 -5.14 -0.35
CA ILE A 336 26.12 -4.10 0.11
C ILE A 336 26.85 -2.77 0.21
N MET A 337 28.15 -2.78 0.52
CA MET A 337 28.86 -1.51 0.65
C MET A 337 29.10 -0.88 -0.71
N GLU A 338 29.38 -1.67 -1.74
CA GLU A 338 29.48 -1.12 -3.08
C GLU A 338 28.18 -0.43 -3.50
N GLU A 339 27.04 -1.12 -3.30
CA GLU A 339 25.75 -0.54 -3.66
C GLU A 339 25.41 0.68 -2.81
N PHE A 340 25.65 0.62 -1.50
CA PHE A 340 25.42 1.78 -0.66
C PHE A 340 26.28 2.96 -1.10
N PHE A 341 27.58 2.71 -1.32
CA PHE A 341 28.50 3.79 -1.70
C PHE A 341 28.05 4.46 -2.98
N ARG A 342 27.60 3.67 -3.95
CA ARG A 342 27.19 4.23 -5.23
C ARG A 342 25.91 5.05 -5.09
N GLN A 343 25.01 4.68 -4.17
CA GLN A 343 23.89 5.57 -3.89
C GLN A 343 24.38 6.88 -3.28
N GLY A 344 25.37 6.80 -2.39
CA GLY A 344 25.89 7.98 -1.74
C GLY A 344 26.59 8.92 -2.71
N ASP A 345 27.18 8.39 -3.79
CA ASP A 345 27.76 9.24 -4.82
C ASP A 345 26.68 9.99 -5.58
N ARG A 346 25.67 9.26 -6.09
CA ARG A 346 24.46 9.89 -6.62
C ARG A 346 23.91 10.96 -5.69
N GLU A 347 23.78 10.63 -4.39
CA GLU A 347 23.25 11.61 -3.44
C GLU A 347 24.10 12.87 -3.39
N ARG A 348 25.43 12.72 -3.35
CA ARG A 348 26.33 13.87 -3.27
C ARG A 348 26.34 14.65 -4.58
N GLU A 349 26.33 13.94 -5.71
CA GLU A 349 26.23 14.56 -7.02
C GLU A 349 25.00 15.46 -7.15
N ARG A 350 23.98 15.26 -6.30
CA ARG A 350 22.72 15.97 -6.44
C ARG A 350 22.47 16.96 -5.32
N GLY A 351 23.44 17.17 -4.43
CA GLY A 351 23.31 18.12 -3.34
C GLY A 351 22.68 17.55 -2.09
N MET A 352 22.12 16.35 -2.16
CA MET A 352 21.47 15.77 -0.98
C MET A 352 22.49 15.37 0.07
N GLU A 353 22.05 15.33 1.31
CA GLU A 353 22.86 14.73 2.37
C GLU A 353 23.01 13.23 2.12
N ILE A 354 24.17 12.69 2.48
CA ILE A 354 24.44 11.27 2.25
C ILE A 354 23.72 10.43 3.29
N SER A 355 23.11 9.34 2.84
CA SER A 355 22.46 8.42 3.77
C SER A 355 23.50 7.70 4.60
N PRO A 356 23.15 7.25 5.81
CA PRO A 356 24.09 6.47 6.62
C PRO A 356 24.67 5.32 5.82
N MET A 357 25.96 5.07 6.01
CA MET A 357 26.72 3.98 5.40
C MET A 357 26.93 4.18 3.91
N CYS A 358 26.46 5.27 3.32
CA CYS A 358 26.65 5.48 1.89
C CYS A 358 27.77 6.47 1.57
N ASP A 359 28.40 7.09 2.56
CA ASP A 359 29.45 8.07 2.30
C ASP A 359 30.80 7.36 2.30
N LYS A 360 31.38 7.19 1.12
CA LYS A 360 32.60 6.41 0.99
C LYS A 360 33.84 7.19 1.43
N HIS A 361 33.70 8.47 1.79
CA HIS A 361 34.77 9.25 2.40
C HIS A 361 34.65 9.30 3.91
N ASN A 362 33.62 8.66 4.46
CA ASN A 362 33.37 8.68 5.89
C ASN A 362 32.72 7.37 6.34
N ALA A 363 33.11 6.25 5.73
CA ALA A 363 32.54 4.98 6.08
C ALA A 363 33.29 4.35 7.25
N SER A 364 32.61 3.41 7.92
CA SER A 364 33.25 2.53 8.90
C SER A 364 32.57 1.17 8.75
N VAL A 365 33.04 0.40 7.75
CA VAL A 365 32.40 -0.84 7.36
C VAL A 365 32.23 -1.77 8.56
N GLU A 366 33.33 -2.07 9.26
CA GLU A 366 33.27 -3.01 10.36
C GLU A 366 32.36 -2.52 11.47
N LYS A 367 32.45 -1.22 11.83
CA LYS A 367 31.60 -0.69 12.89
C LYS A 367 30.13 -0.85 12.57
N SER A 368 29.77 -0.61 11.30
CA SER A 368 28.38 -0.63 10.91
C SER A 368 27.82 -2.05 10.93
N GLN A 369 28.63 -3.04 10.54
CA GLN A 369 28.17 -4.42 10.60
C GLN A 369 27.86 -4.81 12.04
N VAL A 370 28.73 -4.40 12.97
CA VAL A 370 28.49 -4.68 14.39
C VAL A 370 27.25 -3.95 14.87
N GLY A 371 27.14 -2.68 14.51
CA GLY A 371 25.92 -1.93 14.82
C GLY A 371 24.67 -2.57 14.26
N PHE A 372 24.72 -3.01 13.00
CA PHE A 372 23.56 -3.65 12.39
C PHE A 372 23.22 -4.97 13.10
N ILE A 373 24.23 -5.77 13.42
CA ILE A 373 23.96 -7.02 14.12
C ILE A 373 23.32 -6.74 15.48
N ASP A 374 23.92 -5.83 16.25
CA ASP A 374 23.49 -5.62 17.63
C ASP A 374 22.08 -5.06 17.71
N TYR A 375 21.73 -4.11 16.81
CA TYR A 375 20.45 -3.40 16.88
C TYR A 375 19.37 -4.01 15.99
N ILE A 376 19.73 -4.79 14.97
CA ILE A 376 18.73 -5.33 14.05
C ILE A 376 18.83 -6.84 13.95
N VAL A 377 19.98 -7.36 13.51
CA VAL A 377 20.04 -8.76 13.08
C VAL A 377 19.97 -9.70 14.28
N HIS A 378 20.77 -9.44 15.32
CA HIS A 378 20.74 -10.33 16.48
C HIS A 378 19.40 -10.31 17.22
N PRO A 379 18.82 -9.15 17.57
CA PRO A 379 17.48 -9.17 18.19
C PRO A 379 16.47 -10.02 17.42
N LEU A 380 16.46 -9.92 16.09
CA LEU A 380 15.55 -10.72 15.28
C LEU A 380 15.89 -12.21 15.36
N TRP A 381 17.16 -12.55 15.12
CA TRP A 381 17.53 -13.96 15.05
C TRP A 381 17.45 -14.63 16.40
N GLU A 382 17.67 -13.88 17.48
CA GLU A 382 17.48 -14.43 18.82
C GLU A 382 16.01 -14.71 19.07
N THR A 383 15.14 -13.80 18.62
CA THR A 383 13.72 -14.04 18.78
C THR A 383 13.27 -15.24 17.95
N TRP A 384 13.79 -15.37 16.72
CA TRP A 384 13.44 -16.55 15.93
C TRP A 384 13.92 -17.83 16.60
N ALA A 385 15.16 -17.83 17.12
CA ALA A 385 15.71 -19.00 17.82
C ALA A 385 14.81 -19.44 18.98
N ASP A 386 14.28 -18.48 19.74
CA ASP A 386 13.35 -18.84 20.80
C ASP A 386 12.07 -19.49 20.26
N LEU A 387 11.62 -19.09 19.07
CA LEU A 387 10.41 -19.68 18.51
C LEU A 387 10.62 -21.15 18.15
N VAL A 388 11.79 -21.51 17.63
CA VAL A 388 12.04 -22.88 17.19
C VAL A 388 13.05 -23.58 18.10
N HIS A 389 13.20 -23.10 19.34
CA HIS A 389 14.22 -23.63 20.26
C HIS A 389 14.13 -25.16 20.42
N PRO A 390 15.26 -25.85 20.23
CA PRO A 390 16.61 -25.33 19.99
C PRO A 390 17.09 -25.46 18.56
N ASP A 391 16.18 -25.54 17.60
CA ASP A 391 16.57 -25.88 16.24
C ASP A 391 17.62 -24.92 15.68
N ALA A 392 17.55 -23.64 16.03
CA ALA A 392 18.38 -22.62 15.39
C ALA A 392 19.64 -22.26 16.19
N GLN A 393 20.11 -23.14 17.08
CA GLN A 393 21.20 -22.73 17.97
C GLN A 393 22.54 -22.58 17.23
N ASP A 394 22.81 -23.41 16.20
CA ASP A 394 24.05 -23.27 15.44
C ASP A 394 24.06 -22.00 14.60
N ILE A 395 22.90 -21.64 14.02
CA ILE A 395 22.81 -20.41 13.25
C ILE A 395 23.03 -19.19 14.15
N LEU A 396 22.42 -19.20 15.34
CA LEU A 396 22.61 -18.11 16.28
C LEU A 396 24.06 -18.08 16.79
N ASP A 397 24.66 -19.26 17.02
CA ASP A 397 26.08 -19.28 17.40
C ASP A 397 26.97 -18.71 16.30
N THR A 398 26.71 -19.05 15.05
CA THR A 398 27.54 -18.50 13.97
C THR A 398 27.42 -16.99 13.92
N LEU A 399 26.20 -16.47 14.10
CA LEU A 399 26.00 -15.02 14.16
C LEU A 399 26.84 -14.39 15.27
N GLU A 400 26.84 -15.01 16.45
CA GLU A 400 27.56 -14.42 17.57
C GLU A 400 29.07 -14.43 17.30
N ASP A 401 29.58 -15.51 16.69
CA ASP A 401 31.00 -15.54 16.34
C ASP A 401 31.33 -14.50 15.27
N ASN A 402 30.48 -14.37 14.25
CA ASN A 402 30.74 -13.41 13.19
C ASN A 402 30.69 -11.98 13.71
N ARG A 403 29.79 -11.71 14.67
CA ARG A 403 29.76 -10.40 15.31
C ARG A 403 31.04 -10.16 16.09
N GLU A 404 31.51 -11.16 16.83
CA GLU A 404 32.77 -11.01 17.55
C GLU A 404 33.92 -10.74 16.59
N TRP A 405 33.95 -11.43 15.45
CA TRP A 405 35.06 -11.27 14.53
C TRP A 405 35.11 -9.86 13.96
N TYR A 406 33.96 -9.36 13.48
CA TYR A 406 33.93 -7.98 13.00
C TYR A 406 34.33 -6.99 14.09
N GLN A 407 33.83 -7.20 15.31
CA GLN A 407 34.22 -6.37 16.45
C GLN A 407 35.73 -6.35 16.62
N SER A 408 36.38 -7.51 16.55
CA SER A 408 37.82 -7.61 16.77
C SER A 408 38.65 -6.78 15.78
N THR A 409 38.06 -6.30 14.70
CA THR A 409 38.84 -5.63 13.65
C THR A 409 38.85 -4.11 13.79
N GLU B 95 -24.95 31.81 -9.57
CA GLU B 95 -25.02 30.58 -8.78
C GLU B 95 -23.80 30.41 -7.88
N LEU B 96 -22.62 30.79 -8.38
CA LEU B 96 -21.39 30.58 -7.63
C LEU B 96 -21.35 31.38 -6.34
N GLU B 97 -22.23 32.36 -6.19
CA GLU B 97 -22.27 33.13 -4.95
C GLU B 97 -22.63 32.29 -3.75
N ASP B 98 -23.07 31.05 -3.94
CA ASP B 98 -23.49 30.17 -2.87
C ASP B 98 -22.41 29.16 -2.47
N VAL B 99 -21.20 29.32 -3.00
CA VAL B 99 -20.12 28.39 -2.74
C VAL B 99 -19.88 28.12 -1.26
N ASN B 100 -20.45 28.92 -0.36
CA ASN B 100 -20.23 28.77 1.07
C ASN B 100 -21.30 27.97 1.77
N LYS B 101 -22.34 27.52 1.06
CA LYS B 101 -23.48 26.89 1.70
C LYS B 101 -23.64 25.42 1.34
N TRP B 102 -24.04 24.64 2.34
CA TRP B 102 -24.47 23.26 2.11
C TRP B 102 -25.65 23.27 1.16
N GLY B 103 -25.52 22.57 0.05
CA GLY B 103 -26.58 22.52 -0.92
C GLY B 103 -26.37 23.37 -2.16
N LEU B 104 -25.12 23.70 -2.47
CA LEU B 104 -24.81 24.35 -3.74
C LEU B 104 -25.49 23.61 -4.89
N HIS B 105 -26.04 24.37 -5.84
CA HIS B 105 -26.69 23.81 -7.03
C HIS B 105 -25.60 23.35 -8.01
N VAL B 106 -24.87 22.32 -7.60
CA VAL B 106 -23.66 21.94 -8.33
C VAL B 106 -23.99 21.43 -9.72
N PHE B 107 -25.15 20.78 -9.89
CA PHE B 107 -25.51 20.31 -11.22
C PHE B 107 -25.76 21.48 -12.16
N ARG B 108 -26.48 22.50 -11.68
CA ARG B 108 -26.69 23.67 -12.51
C ARG B 108 -25.36 24.35 -12.80
N ILE B 109 -24.48 24.41 -11.80
CA ILE B 109 -23.15 24.99 -12.00
C ILE B 109 -22.37 24.19 -13.04
N ALA B 110 -22.52 22.86 -13.04
CA ALA B 110 -21.92 22.04 -14.11
C ALA B 110 -22.50 22.42 -15.46
N GLU B 111 -23.82 22.59 -15.54
CA GLU B 111 -24.46 22.96 -16.80
C GLU B 111 -24.00 24.34 -17.26
N LEU B 112 -23.99 25.32 -16.35
CA LEU B 112 -23.70 26.70 -16.71
C LEU B 112 -22.23 26.95 -17.02
N SER B 113 -21.33 26.09 -16.55
CA SER B 113 -19.91 26.26 -16.75
C SER B 113 -19.37 25.49 -17.94
N GLY B 114 -20.22 24.84 -18.72
CA GLY B 114 -19.75 24.02 -19.82
C GLY B 114 -19.11 22.71 -19.39
N ASN B 115 -19.68 22.04 -18.38
CA ASN B 115 -19.11 20.85 -17.78
C ASN B 115 -17.72 21.14 -17.22
N ARG B 116 -17.62 22.23 -16.47
CA ARG B 116 -16.38 22.51 -15.76
C ARG B 116 -16.64 22.82 -14.28
N PRO B 117 -17.55 22.14 -13.60
CA PRO B 117 -17.81 22.51 -12.21
C PRO B 117 -16.59 22.38 -11.31
N LEU B 118 -15.69 21.44 -11.61
CA LEU B 118 -14.50 21.30 -10.79
C LEU B 118 -13.60 22.52 -10.93
N THR B 119 -13.28 22.91 -12.16
CA THR B 119 -12.40 24.07 -12.37
C THR B 119 -12.99 25.34 -11.77
N VAL B 120 -14.29 25.61 -12.04
CA VAL B 120 -14.86 26.88 -11.57
C VAL B 120 -15.10 26.88 -10.06
N ILE B 121 -15.41 25.73 -9.44
CA ILE B 121 -15.65 25.74 -8.00
C ILE B 121 -14.33 25.75 -7.22
N MET B 122 -13.31 25.08 -7.76
CA MET B 122 -11.99 25.16 -7.14
C MET B 122 -11.42 26.56 -7.28
N HIS B 123 -11.47 27.12 -8.49
CA HIS B 123 -11.05 28.50 -8.72
C HIS B 123 -11.69 29.45 -7.74
N THR B 124 -13.00 29.29 -7.51
CA THR B 124 -13.73 30.17 -6.61
C THR B 124 -13.34 29.91 -5.15
N ILE B 125 -13.17 28.65 -4.76
CA ILE B 125 -12.83 28.36 -3.37
C ILE B 125 -11.43 28.84 -3.05
N PHE B 126 -10.53 28.84 -4.03
CA PHE B 126 -9.18 29.35 -3.78
C PHE B 126 -9.22 30.84 -3.47
N GLN B 127 -10.01 31.62 -4.22
CA GLN B 127 -10.15 33.05 -3.92
C GLN B 127 -10.81 33.27 -2.57
N GLU B 128 -11.91 32.57 -2.29
CA GLU B 128 -12.63 32.74 -1.03
C GLU B 128 -11.72 32.56 0.19
N ARG B 129 -10.61 31.85 0.05
CA ARG B 129 -9.62 31.74 1.11
C ARG B 129 -8.28 32.36 0.72
N ASP B 130 -8.19 32.95 -0.47
CA ASP B 130 -7.02 33.70 -0.93
C ASP B 130 -5.77 32.85 -1.04
N LEU B 131 -5.94 31.56 -1.32
CA LEU B 131 -4.79 30.66 -1.38
C LEU B 131 -3.86 31.01 -2.53
N LEU B 132 -4.35 31.71 -3.55
CA LEU B 132 -3.50 32.05 -4.69
C LEU B 132 -2.37 33.00 -4.33
N LYS B 133 -2.46 33.68 -3.18
CA LYS B 133 -1.38 34.54 -2.71
C LYS B 133 -0.77 34.06 -1.40
N THR B 134 -1.56 33.46 -0.51
CA THR B 134 -0.96 32.79 0.63
C THR B 134 0.14 31.83 0.19
N PHE B 135 0.00 31.23 -1.01
CA PHE B 135 0.97 30.29 -1.53
C PHE B 135 1.47 30.68 -2.92
N LYS B 136 1.16 31.87 -3.39
CA LYS B 136 1.76 32.45 -4.60
C LYS B 136 1.50 31.57 -5.84
N ILE B 137 0.25 31.13 -5.96
CA ILE B 137 -0.18 30.30 -7.08
C ILE B 137 -0.54 31.23 -8.24
N PRO B 138 0.25 31.26 -9.31
CA PRO B 138 -0.15 32.04 -10.50
C PRO B 138 -1.49 31.55 -11.02
N VAL B 139 -2.49 32.43 -10.97
CA VAL B 139 -3.87 32.02 -11.25
C VAL B 139 -3.99 31.22 -12.54
N ASP B 140 -3.13 31.51 -13.53
CA ASP B 140 -3.24 30.83 -14.83
C ASP B 140 -2.64 29.43 -14.79
N THR B 141 -1.64 29.20 -13.93
CA THR B 141 -1.14 27.85 -13.70
C THR B 141 -2.19 27.03 -12.94
N LEU B 142 -2.89 27.67 -12.00
CA LEU B 142 -4.01 27.03 -11.33
C LEU B 142 -5.04 26.52 -12.33
N ILE B 143 -5.53 27.40 -13.20
CA ILE B 143 -6.57 27.01 -14.15
C ILE B 143 -6.07 25.92 -15.07
N THR B 144 -4.78 25.95 -15.40
CA THR B 144 -4.23 24.93 -16.29
C THR B 144 -4.28 23.55 -15.61
N TYR B 145 -3.84 23.48 -14.36
CA TYR B 145 -3.93 22.23 -13.62
C TYR B 145 -5.38 21.79 -13.46
N LEU B 146 -6.25 22.70 -13.00
CA LEU B 146 -7.65 22.33 -12.74
C LEU B 146 -8.33 21.79 -13.99
N MET B 147 -8.06 22.39 -15.14
CA MET B 147 -8.71 21.94 -16.37
C MET B 147 -8.15 20.60 -16.83
N THR B 148 -6.85 20.40 -16.69
CA THR B 148 -6.25 19.10 -17.00
C THR B 148 -6.73 18.03 -16.02
N LEU B 149 -6.81 18.39 -14.73
CA LEU B 149 -7.38 17.51 -13.73
C LEU B 149 -8.80 17.10 -14.11
N GLU B 150 -9.68 18.08 -14.34
CA GLU B 150 -11.06 17.79 -14.72
C GLU B 150 -11.14 16.89 -15.96
N ASP B 151 -10.25 17.09 -16.94
CA ASP B 151 -10.29 16.25 -18.14
C ASP B 151 -10.05 14.78 -17.82
N HIS B 152 -9.32 14.48 -16.76
CA HIS B 152 -9.01 13.09 -16.43
C HIS B 152 -10.09 12.43 -15.60
N TYR B 153 -11.15 13.14 -15.25
CA TYR B 153 -12.38 12.51 -14.80
C TYR B 153 -13.20 12.09 -16.02
N HIS B 154 -13.77 10.89 -15.96
CA HIS B 154 -14.44 10.31 -17.11
C HIS B 154 -15.83 10.90 -17.29
N ALA B 155 -16.12 11.40 -18.50
CA ALA B 155 -17.43 11.98 -18.76
C ALA B 155 -18.51 10.91 -18.86
N ASP B 156 -18.17 9.69 -19.27
CA ASP B 156 -19.15 8.61 -19.40
C ASP B 156 -19.28 7.75 -18.14
N VAL B 157 -18.86 8.25 -16.97
CA VAL B 157 -19.07 7.56 -15.69
C VAL B 157 -20.12 8.34 -14.91
N ALA B 158 -21.22 7.68 -14.54
CA ALA B 158 -22.38 8.43 -14.10
C ALA B 158 -22.16 9.10 -12.74
N TYR B 159 -21.50 8.43 -11.80
CA TYR B 159 -21.31 8.99 -10.48
C TYR B 159 -19.90 9.52 -10.24
N HIS B 160 -18.86 8.67 -10.27
CA HIS B 160 -17.49 9.09 -9.93
C HIS B 160 -16.88 9.90 -11.08
N ASN B 161 -17.39 11.11 -11.25
CA ASN B 161 -16.93 12.00 -12.30
C ASN B 161 -16.57 13.37 -11.72
N ASN B 162 -16.43 14.35 -12.59
CA ASN B 162 -16.01 15.69 -12.19
C ASN B 162 -17.06 16.39 -11.34
N ILE B 163 -18.35 16.13 -11.59
CA ILE B 163 -19.38 16.76 -10.75
C ILE B 163 -19.25 16.28 -9.32
N HIS B 164 -18.94 15.00 -9.14
CA HIS B 164 -18.77 14.45 -7.80
C HIS B 164 -17.54 15.06 -7.12
N ALA B 165 -16.43 15.13 -7.86
CA ALA B 165 -15.25 15.81 -7.35
C ALA B 165 -15.58 17.23 -6.89
N ALA B 166 -16.12 18.04 -7.80
CA ALA B 166 -16.48 19.41 -7.46
C ALA B 166 -17.40 19.48 -6.26
N ASP B 167 -18.30 18.51 -6.12
CA ASP B 167 -19.21 18.46 -4.97
C ASP B 167 -18.47 18.09 -3.69
N VAL B 168 -17.45 17.25 -3.78
CA VAL B 168 -16.74 16.88 -2.57
C VAL B 168 -15.79 18.00 -2.15
N VAL B 169 -15.20 18.69 -3.12
CA VAL B 169 -14.43 19.92 -2.88
C VAL B 169 -15.29 20.93 -2.11
N GLN B 170 -16.37 21.41 -2.73
CA GLN B 170 -17.20 22.41 -2.08
C GLN B 170 -17.72 21.92 -0.72
N SER B 171 -17.98 20.63 -0.57
CA SER B 171 -18.51 20.17 0.71
C SER B 171 -17.44 20.14 1.79
N THR B 172 -16.21 19.77 1.43
CA THR B 172 -15.10 19.91 2.37
C THR B 172 -14.86 21.39 2.70
N HIS B 173 -14.96 22.25 1.69
CA HIS B 173 -14.77 23.67 1.87
C HIS B 173 -15.71 24.24 2.94
N VAL B 174 -16.90 23.67 3.07
CA VAL B 174 -17.84 24.10 4.10
C VAL B 174 -17.50 23.47 5.44
N LEU B 175 -17.18 22.19 5.45
CA LEU B 175 -16.88 21.56 6.73
C LEU B 175 -15.61 22.10 7.37
N LEU B 176 -14.81 22.85 6.60
CA LEU B 176 -13.65 23.54 7.14
C LEU B 176 -14.06 24.87 7.76
N SER B 177 -15.09 25.52 7.21
CA SER B 177 -15.59 26.78 7.72
C SER B 177 -16.51 26.64 8.92
N THR B 178 -16.70 25.45 9.44
CA THR B 178 -17.51 25.32 10.64
C THR B 178 -16.98 26.24 11.74
N PRO B 179 -17.83 26.79 12.60
CA PRO B 179 -17.33 27.61 13.73
C PRO B 179 -16.39 26.84 14.66
N ALA B 180 -16.78 25.63 15.06
CA ALA B 180 -15.99 24.85 16.00
C ALA B 180 -14.58 24.53 15.50
N LEU B 181 -14.35 24.59 14.20
CA LEU B 181 -13.03 24.32 13.66
C LEU B 181 -12.48 25.57 12.95
N GLU B 182 -12.72 26.75 13.53
CA GLU B 182 -12.24 27.99 12.94
C GLU B 182 -10.77 28.20 13.25
N ALA B 183 -9.97 28.46 12.22
CA ALA B 183 -8.54 28.69 12.34
C ALA B 183 -7.82 27.54 13.05
N VAL B 184 -8.41 26.34 13.08
CA VAL B 184 -7.79 25.16 13.70
C VAL B 184 -6.81 24.46 12.77
N PHE B 185 -6.77 24.83 11.49
CA PHE B 185 -5.89 24.21 10.51
C PHE B 185 -5.12 25.30 9.76
N THR B 186 -3.87 24.98 9.41
CA THR B 186 -3.05 25.93 8.67
C THR B 186 -3.62 26.15 7.26
N ASP B 187 -3.16 27.23 6.64
CA ASP B 187 -3.45 27.44 5.23
C ASP B 187 -2.94 26.28 4.37
N LEU B 188 -1.90 25.58 4.84
CA LEU B 188 -1.36 24.43 4.13
C LEU B 188 -2.22 23.19 4.40
N GLU B 189 -2.66 23.02 5.64
CA GLU B 189 -3.58 21.93 5.94
C GLU B 189 -4.90 22.12 5.18
N ILE B 190 -5.35 23.36 5.08
CA ILE B 190 -6.54 23.66 4.28
C ILE B 190 -6.29 23.31 2.81
N LEU B 191 -5.16 23.77 2.28
CA LEU B 191 -4.81 23.45 0.90
C LEU B 191 -4.79 21.93 0.67
N ALA B 192 -4.34 21.18 1.69
CA ALA B 192 -4.27 19.72 1.53
C ALA B 192 -5.65 19.10 1.44
N ALA B 193 -6.54 19.47 2.37
CA ALA B 193 -7.88 18.91 2.40
C ALA B 193 -8.65 19.22 1.12
N ILE B 194 -8.48 20.42 0.56
CA ILE B 194 -9.21 20.80 -0.65
C ILE B 194 -8.61 20.13 -1.89
N PHE B 195 -7.27 20.14 -1.99
CA PHE B 195 -6.62 19.47 -3.10
C PHE B 195 -6.89 17.97 -3.07
N ALA B 196 -6.89 17.38 -1.87
CA ALA B 196 -7.22 15.98 -1.73
C ALA B 196 -8.65 15.71 -2.23
N SER B 197 -9.60 16.56 -1.84
CA SER B 197 -10.99 16.42 -2.30
C SER B 197 -11.07 16.48 -3.83
N ALA B 198 -10.30 17.39 -4.43
CA ALA B 198 -10.36 17.62 -5.87
C ALA B 198 -9.86 16.40 -6.67
N ILE B 199 -8.83 15.71 -6.18
CA ILE B 199 -8.22 14.60 -6.90
C ILE B 199 -8.71 13.23 -6.43
N HIS B 200 -9.56 13.16 -5.39
CA HIS B 200 -9.72 11.91 -4.67
C HIS B 200 -10.40 10.82 -5.50
N ASP B 201 -10.97 11.12 -6.67
CA ASP B 201 -11.50 10.06 -7.51
C ASP B 201 -11.02 10.16 -8.96
N VAL B 202 -9.95 10.92 -9.23
CA VAL B 202 -9.65 11.23 -10.63
C VAL B 202 -9.37 9.94 -11.40
N ASP B 203 -9.85 9.89 -12.64
CA ASP B 203 -9.66 8.74 -13.53
C ASP B 203 -10.35 7.48 -13.00
N HIS B 204 -11.40 7.64 -12.20
CA HIS B 204 -12.16 6.50 -11.71
C HIS B 204 -12.80 5.78 -12.89
N PRO B 205 -12.64 4.46 -13.02
CA PRO B 205 -13.25 3.75 -14.16
C PRO B 205 -14.73 3.47 -14.03
N GLY B 206 -15.34 3.68 -12.87
CA GLY B 206 -16.74 3.34 -12.73
C GLY B 206 -17.00 1.97 -12.17
N VAL B 207 -15.97 1.27 -11.72
CA VAL B 207 -16.13 -0.02 -11.07
C VAL B 207 -15.35 -0.01 -9.77
N SER B 208 -15.73 -0.92 -8.88
CA SER B 208 -15.25 -1.01 -7.51
C SER B 208 -13.86 -1.66 -7.46
N ASN B 209 -13.22 -1.54 -6.29
CA ASN B 209 -11.94 -2.20 -6.07
C ASN B 209 -12.09 -3.71 -6.21
N GLN B 210 -13.17 -4.26 -5.63
CA GLN B 210 -13.38 -5.69 -5.67
C GLN B 210 -13.56 -6.18 -7.11
N PHE B 211 -14.24 -5.40 -7.94
CA PHE B 211 -14.35 -5.76 -9.35
C PHE B 211 -12.97 -5.80 -10.01
N LEU B 212 -12.19 -4.75 -9.81
CA LEU B 212 -10.84 -4.71 -10.35
C LEU B 212 -9.98 -5.87 -9.85
N ILE B 213 -10.17 -6.31 -8.60
CA ILE B 213 -9.38 -7.41 -8.07
C ILE B 213 -9.82 -8.74 -8.68
N ASN B 214 -11.13 -9.02 -8.65
CA ASN B 214 -11.66 -10.30 -9.13
C ASN B 214 -11.50 -10.47 -10.64
N THR B 215 -11.22 -9.40 -11.38
CA THR B 215 -10.99 -9.53 -12.80
C THR B 215 -9.52 -9.41 -13.15
N ASN B 216 -8.63 -9.45 -12.15
CA ASN B 216 -7.18 -9.41 -12.40
C ASN B 216 -6.83 -8.26 -13.33
N SER B 217 -7.33 -7.09 -12.98
CA SER B 217 -7.12 -5.89 -13.78
C SER B 217 -5.65 -5.45 -13.71
N GLU B 218 -5.28 -4.56 -14.62
CA GLU B 218 -3.94 -3.99 -14.57
C GLU B 218 -3.76 -3.14 -13.33
N LEU B 219 -4.81 -2.41 -12.95
CA LEU B 219 -4.76 -1.59 -11.74
C LEU B 219 -4.49 -2.43 -10.51
N ALA B 220 -5.28 -3.50 -10.31
CA ALA B 220 -5.08 -4.36 -9.15
C ALA B 220 -3.72 -5.04 -9.18
N LEU B 221 -3.24 -5.38 -10.36
CA LEU B 221 -1.91 -5.98 -10.51
C LEU B 221 -0.83 -4.98 -10.10
N MET B 222 -0.98 -3.72 -10.52
CA MET B 222 -0.05 -2.67 -10.09
C MET B 222 -0.04 -2.52 -8.57
N TYR B 223 -1.23 -2.42 -7.96
CA TYR B 223 -1.35 -2.02 -6.58
C TYR B 223 -1.62 -3.17 -5.62
N ASN B 224 -1.42 -4.41 -6.06
CA ASN B 224 -1.40 -5.55 -5.14
C ASN B 224 -2.67 -5.62 -4.29
N ASP B 225 -3.81 -5.30 -4.90
CA ASP B 225 -5.15 -5.49 -4.34
C ASP B 225 -5.48 -4.59 -3.15
N SER B 226 -4.59 -3.65 -2.77
CA SER B 226 -4.74 -2.83 -1.57
C SER B 226 -5.06 -1.39 -1.99
N SER B 227 -6.24 -0.89 -1.62
CA SER B 227 -6.69 0.48 -1.95
C SER B 227 -6.37 0.83 -3.40
N VAL B 228 -6.73 -0.08 -4.29
CA VAL B 228 -6.28 -0.03 -5.69
C VAL B 228 -6.67 1.31 -6.33
N LEU B 229 -7.95 1.66 -6.26
CA LEU B 229 -8.42 2.91 -6.87
C LEU B 229 -7.77 4.11 -6.22
N GLU B 230 -7.79 4.17 -4.89
CA GLU B 230 -7.33 5.35 -4.18
C GLU B 230 -5.84 5.60 -4.41
N ASN B 231 -5.04 4.53 -4.50
CA ASN B 231 -3.64 4.72 -4.90
C ASN B 231 -3.55 5.32 -6.28
N HIS B 232 -4.45 4.93 -7.19
CA HIS B 232 -4.40 5.44 -8.56
C HIS B 232 -4.81 6.91 -8.63
N HIS B 233 -5.91 7.27 -7.96
CA HIS B 233 -6.33 8.68 -7.88
C HIS B 233 -5.19 9.58 -7.43
N LEU B 234 -4.52 9.20 -6.34
CA LEU B 234 -3.37 9.97 -5.87
C LEU B 234 -2.31 10.13 -6.96
N ALA B 235 -1.86 9.00 -7.53
CA ALA B 235 -0.76 9.04 -8.47
C ALA B 235 -1.09 9.89 -9.69
N VAL B 236 -2.33 9.81 -10.18
CA VAL B 236 -2.72 10.67 -11.30
C VAL B 236 -2.76 12.13 -10.87
N GLY B 237 -3.37 12.41 -9.71
CA GLY B 237 -3.44 13.79 -9.23
C GLY B 237 -2.08 14.45 -9.11
N PHE B 238 -1.07 13.70 -8.63
CA PHE B 238 0.26 14.26 -8.44
C PHE B 238 1.01 14.35 -9.75
N LYS B 239 0.84 13.35 -10.64
CA LYS B 239 1.53 13.35 -11.93
C LYS B 239 1.10 14.51 -12.82
N LEU B 240 -0.19 14.86 -12.79
CA LEU B 240 -0.64 15.97 -13.61
C LEU B 240 -0.02 17.28 -13.19
N LEU B 241 0.44 17.39 -11.93
CA LEU B 241 1.16 18.59 -11.53
C LEU B 241 2.40 18.82 -12.36
N GLN B 242 2.97 17.80 -12.99
CA GLN B 242 4.21 17.95 -13.73
C GLN B 242 3.99 18.28 -15.20
N GLU B 243 2.75 18.37 -15.65
CA GLU B 243 2.50 18.82 -17.00
C GLU B 243 2.88 20.29 -17.10
N GLU B 244 3.14 20.73 -18.31
CA GLU B 244 3.58 22.09 -18.59
C GLU B 244 2.58 23.10 -18.01
N ASN B 245 3.08 23.94 -17.10
CA ASN B 245 2.32 25.03 -16.49
C ASN B 245 1.22 24.55 -15.55
N CYS B 246 1.44 23.43 -14.85
CA CYS B 246 0.44 22.87 -13.95
C CYS B 246 0.90 22.78 -12.50
N ASP B 247 2.16 23.06 -12.20
CA ASP B 247 2.73 22.84 -10.87
C ASP B 247 2.26 23.95 -9.95
N ILE B 248 1.02 23.83 -9.47
CA ILE B 248 0.45 24.85 -8.60
C ILE B 248 1.14 24.94 -7.24
N PHE B 249 2.07 24.03 -6.94
CA PHE B 249 2.79 24.09 -5.68
C PHE B 249 4.25 24.51 -5.87
N GLN B 250 4.52 25.24 -6.96
CA GLN B 250 5.88 25.60 -7.32
C GLN B 250 6.52 26.51 -6.27
N ASN B 251 5.74 27.42 -5.69
CA ASN B 251 6.25 28.39 -4.73
C ASN B 251 6.02 27.97 -3.28
N LEU B 252 5.70 26.70 -3.05
CA LEU B 252 5.79 26.18 -1.70
C LEU B 252 7.25 25.90 -1.38
N THR B 253 7.60 25.96 -0.10
CA THR B 253 8.91 25.48 0.29
C THR B 253 8.97 23.97 0.10
N LYS B 254 10.19 23.44 0.00
CA LYS B 254 10.31 22.00 -0.18
C LYS B 254 9.76 21.24 1.03
N LYS B 255 9.81 21.85 2.22
CA LYS B 255 9.23 21.18 3.37
C LYS B 255 7.72 21.31 3.37
N GLN B 256 7.18 22.42 2.89
CA GLN B 256 5.73 22.55 2.75
C GLN B 256 5.19 21.56 1.72
N ARG B 257 5.83 21.45 0.55
CA ARG B 257 5.47 20.44 -0.44
C ARG B 257 5.50 19.04 0.16
N GLN B 258 6.58 18.69 0.86
CA GLN B 258 6.68 17.36 1.45
C GLN B 258 5.58 17.11 2.46
N SER B 259 5.24 18.14 3.25
CA SER B 259 4.19 17.99 4.24
C SER B 259 2.83 17.89 3.57
N LEU B 260 2.61 18.70 2.53
CA LEU B 260 1.38 18.65 1.76
C LEU B 260 1.18 17.27 1.14
N ARG B 261 2.23 16.72 0.53
CA ARG B 261 2.10 15.43 -0.13
C ARG B 261 1.70 14.36 0.85
N LYS B 262 2.36 14.31 2.02
CA LYS B 262 2.02 13.28 3.01
C LYS B 262 0.57 13.40 3.46
N MET B 263 0.09 14.62 3.65
CA MET B 263 -1.28 14.81 4.11
C MET B 263 -2.29 14.40 3.04
N VAL B 264 -2.07 14.81 1.79
CA VAL B 264 -2.97 14.41 0.72
C VAL B 264 -3.05 12.89 0.62
N ILE B 265 -1.89 12.22 0.63
CA ILE B 265 -1.86 10.74 0.59
C ILE B 265 -2.65 10.15 1.76
N ASP B 266 -2.37 10.59 2.99
CA ASP B 266 -3.06 10.06 4.17
C ASP B 266 -4.57 10.29 4.06
N ILE B 267 -4.96 11.42 3.50
CA ILE B 267 -6.38 11.74 3.36
C ILE B 267 -7.01 10.83 2.31
N VAL B 268 -6.46 10.81 1.10
CA VAL B 268 -7.13 10.08 0.02
C VAL B 268 -7.15 8.59 0.29
N LEU B 269 -6.03 8.02 0.73
CA LEU B 269 -6.04 6.59 1.10
C LEU B 269 -7.16 6.26 2.06
N ALA B 270 -7.56 7.22 2.91
CA ALA B 270 -8.65 7.00 3.86
C ALA B 270 -10.04 7.09 3.23
N THR B 271 -10.15 7.50 1.97
CA THR B 271 -11.47 7.46 1.38
C THR B 271 -11.88 6.06 0.95
N ASP B 272 -10.97 5.09 1.04
CA ASP B 272 -11.28 3.70 0.70
C ASP B 272 -12.39 3.19 1.62
N MET B 273 -13.51 2.79 1.02
CA MET B 273 -14.67 2.39 1.82
C MET B 273 -14.39 1.16 2.67
N SER B 274 -13.45 0.31 2.28
CA SER B 274 -13.12 -0.84 3.12
C SER B 274 -12.54 -0.42 4.46
N LYS B 275 -12.09 0.82 4.59
CA LYS B 275 -11.52 1.35 5.82
C LYS B 275 -12.50 2.18 6.63
N HIS B 276 -13.79 2.17 6.29
CA HIS B 276 -14.73 3.05 6.97
C HIS B 276 -14.89 2.70 8.46
N MET B 277 -14.91 1.41 8.79
CA MET B 277 -15.18 1.02 10.18
C MET B 277 -14.06 1.43 11.11
N ASN B 278 -12.81 1.15 10.73
CA ASN B 278 -11.66 1.60 11.53
C ASN B 278 -11.66 3.12 11.68
N LEU B 279 -11.96 3.83 10.60
CA LEU B 279 -11.92 5.29 10.61
C LEU B 279 -13.06 5.86 11.43
N LEU B 280 -14.19 5.15 11.50
CA LEU B 280 -15.28 5.59 12.39
C LEU B 280 -14.98 5.24 13.84
N ALA B 281 -14.48 4.04 14.10
CA ALA B 281 -14.08 3.69 15.46
C ALA B 281 -13.04 4.69 15.98
N ASP B 282 -12.11 5.10 15.12
CA ASP B 282 -11.17 6.14 15.49
C ASP B 282 -11.87 7.45 15.81
N LEU B 283 -12.88 7.81 15.01
CA LEU B 283 -13.57 9.07 15.23
C LEU B 283 -14.35 9.06 16.54
N LYS B 284 -14.93 7.91 16.90
CA LYS B 284 -15.67 7.81 18.16
C LYS B 284 -14.74 7.97 19.35
N THR B 285 -13.69 7.15 19.40
CA THR B 285 -12.65 7.27 20.42
C THR B 285 -12.30 8.72 20.70
N MET B 286 -11.97 9.46 19.64
CA MET B 286 -11.65 10.89 19.79
C MET B 286 -12.80 11.67 20.43
N VAL B 287 -14.04 11.23 20.21
CA VAL B 287 -15.17 11.94 20.83
C VAL B 287 -15.33 11.53 22.29
N GLU B 288 -15.24 10.22 22.60
CA GLU B 288 -15.40 9.80 23.98
C GLU B 288 -14.28 10.29 24.89
N THR B 289 -13.18 10.78 24.31
CA THR B 289 -12.11 11.44 25.07
C THR B 289 -11.84 12.82 24.49
N LYS B 290 -12.92 13.52 24.12
CA LYS B 290 -12.83 14.83 23.48
C LYS B 290 -12.50 15.91 24.51
N LYS B 291 -11.78 16.93 24.06
CA LYS B 291 -11.43 18.11 24.86
C LYS B 291 -11.64 19.36 24.02
N VAL B 292 -12.15 20.42 24.64
CA VAL B 292 -12.62 21.60 23.93
C VAL B 292 -12.53 22.81 24.87
N THR B 293 -12.55 24.02 24.28
CA THR B 293 -12.42 25.27 25.02
C THR B 293 -13.75 26.01 25.14
N SER B 294 -13.65 27.18 25.79
CA SER B 294 -14.76 28.08 26.10
C SER B 294 -15.71 28.29 24.93
N SER B 295 -15.31 29.13 23.95
CA SER B 295 -16.16 29.51 22.84
C SER B 295 -16.52 28.32 21.95
N GLY B 296 -15.96 27.15 22.29
CA GLY B 296 -16.37 25.88 21.71
C GLY B 296 -15.40 25.27 20.73
N VAL B 297 -14.23 25.86 20.52
CA VAL B 297 -13.32 25.38 19.49
C VAL B 297 -12.55 24.16 19.98
N LEU B 298 -12.25 23.27 19.05
CA LEU B 298 -11.69 21.95 19.35
C LEU B 298 -10.20 22.05 19.69
N LEU B 299 -9.74 21.15 20.55
CA LEU B 299 -8.34 21.11 20.98
C LEU B 299 -7.68 19.85 20.43
N LEU B 300 -6.93 20.01 19.35
CA LEU B 300 -6.14 18.95 18.73
C LEU B 300 -4.67 19.26 18.94
N ASP B 301 -3.89 18.28 19.38
CA ASP B 301 -2.50 18.56 19.77
C ASP B 301 -1.45 17.96 18.85
N ASN B 302 -1.61 16.70 18.42
CA ASN B 302 -0.59 16.01 17.64
C ASN B 302 -1.16 15.61 16.29
N TYR B 303 -0.25 15.47 15.30
CA TYR B 303 -0.65 15.14 13.94
C TYR B 303 -1.65 14.01 13.91
N SER B 304 -1.43 12.97 14.72
CA SER B 304 -2.24 11.76 14.65
C SER B 304 -3.73 12.07 14.73
N ASP B 305 -4.11 13.00 15.60
CA ASP B 305 -5.52 13.35 15.74
C ASP B 305 -5.98 14.34 14.68
N ARG B 306 -5.12 15.27 14.25
CA ARG B 306 -5.55 16.30 13.30
C ARG B 306 -5.66 15.77 11.88
N ILE B 307 -4.78 14.84 11.48
CA ILE B 307 -4.93 14.23 10.17
C ILE B 307 -6.19 13.40 10.17
N GLN B 308 -6.51 12.80 11.31
CA GLN B 308 -7.66 11.92 11.37
C GLN B 308 -8.96 12.70 11.33
N VAL B 309 -8.98 13.92 11.86
CA VAL B 309 -10.16 14.77 11.65
C VAL B 309 -10.29 15.15 10.19
N LEU B 310 -9.16 15.38 9.51
CA LEU B 310 -9.23 15.67 8.08
C LEU B 310 -9.58 14.44 7.26
N GLN B 311 -9.12 13.26 7.69
CA GLN B 311 -9.55 12.01 7.08
C GLN B 311 -11.07 11.87 7.18
N ASN B 312 -11.60 11.81 8.40
CA ASN B 312 -13.04 11.73 8.59
C ASN B 312 -13.78 12.89 7.96
N MET B 313 -13.13 14.03 7.77
CA MET B 313 -13.81 15.17 7.16
C MET B 313 -14.09 14.93 5.68
N VAL B 314 -13.05 14.64 4.90
CA VAL B 314 -13.23 14.36 3.48
C VAL B 314 -14.08 13.11 3.29
N HIS B 315 -14.00 12.17 4.23
CA HIS B 315 -14.87 11.00 4.21
C HIS B 315 -16.33 11.40 4.37
N CYS B 316 -16.61 12.36 5.27
CA CYS B 316 -17.98 12.86 5.42
C CYS B 316 -18.44 13.56 4.15
N ALA B 317 -17.57 14.37 3.56
CA ALA B 317 -17.91 15.07 2.33
C ALA B 317 -18.13 14.09 1.18
N ASP B 318 -17.41 12.96 1.19
CA ASP B 318 -17.60 11.90 0.20
C ASP B 318 -18.95 11.20 0.42
N LEU B 319 -19.30 10.96 1.68
CA LEU B 319 -20.58 10.35 2.06
C LEU B 319 -21.64 11.39 2.41
N SER B 320 -21.65 12.54 1.75
CA SER B 320 -22.52 13.63 2.14
C SER B 320 -23.77 13.76 1.27
N ASN B 321 -23.91 12.94 0.21
CA ASN B 321 -25.10 13.01 -0.65
C ASN B 321 -26.41 12.94 0.13
N PRO B 322 -26.63 11.98 1.04
CA PRO B 322 -27.92 11.91 1.73
C PRO B 322 -28.18 13.03 2.72
N THR B 323 -27.22 13.95 2.92
CA THR B 323 -27.43 15.10 3.80
C THR B 323 -27.77 16.37 3.03
N LYS B 324 -27.73 16.32 1.71
CA LYS B 324 -28.08 17.46 0.89
C LYS B 324 -29.59 17.52 0.71
N PRO B 325 -30.11 18.66 0.23
CA PRO B 325 -31.53 18.74 -0.10
C PRO B 325 -31.97 17.60 -1.02
N LEU B 326 -33.22 17.15 -0.83
CA LEU B 326 -33.70 15.92 -1.46
C LEU B 326 -33.52 15.93 -2.97
N GLN B 327 -33.73 17.07 -3.62
CA GLN B 327 -33.65 17.10 -5.08
C GLN B 327 -32.22 16.86 -5.57
N LEU B 328 -31.22 17.22 -4.76
CA LEU B 328 -29.85 16.85 -5.11
C LEU B 328 -29.58 15.38 -4.80
N TYR B 329 -29.90 14.96 -3.57
CA TYR B 329 -29.71 13.58 -3.15
C TYR B 329 -30.32 12.60 -4.16
N ARG B 330 -31.53 12.88 -4.61
CA ARG B 330 -32.20 11.98 -5.56
C ARG B 330 -31.43 11.89 -6.87
N GLN B 331 -30.84 13.01 -7.32
CA GLN B 331 -29.98 12.93 -8.49
C GLN B 331 -28.75 12.05 -8.23
N TRP B 332 -28.14 12.19 -7.05
CA TRP B 332 -26.99 11.35 -6.72
C TRP B 332 -27.39 9.88 -6.66
N THR B 333 -28.60 9.58 -6.19
CA THR B 333 -29.04 8.19 -6.14
C THR B 333 -29.18 7.61 -7.55
N ASP B 334 -29.81 8.38 -8.44
CA ASP B 334 -29.90 7.97 -9.84
C ASP B 334 -28.53 7.69 -10.44
N ARG B 335 -27.56 8.55 -10.17
CA ARG B 335 -26.28 8.38 -10.86
C ARG B 335 -25.48 7.20 -10.31
N ILE B 336 -25.53 6.96 -8.99
CA ILE B 336 -24.78 5.83 -8.43
C ILE B 336 -25.39 4.51 -8.89
N MET B 337 -26.73 4.43 -8.98
CA MET B 337 -27.34 3.18 -9.41
C MET B 337 -27.09 2.94 -10.89
N GLU B 338 -27.13 3.99 -11.71
CA GLU B 338 -26.75 3.77 -13.10
C GLU B 338 -25.35 3.20 -13.18
N GLU B 339 -24.44 3.71 -12.36
CA GLU B 339 -23.07 3.21 -12.36
C GLU B 339 -22.99 1.79 -11.80
N PHE B 340 -23.70 1.51 -10.70
CA PHE B 340 -23.71 0.16 -10.16
C PHE B 340 -24.27 -0.84 -11.16
N PHE B 341 -25.40 -0.51 -11.80
CA PHE B 341 -26.04 -1.44 -12.72
C PHE B 341 -25.14 -1.77 -13.91
N ARG B 342 -24.42 -0.77 -14.45
CA ARG B 342 -23.48 -1.04 -15.53
C ARG B 342 -22.34 -1.96 -15.08
N GLN B 343 -21.98 -1.95 -13.80
CA GLN B 343 -20.99 -2.91 -13.31
C GLN B 343 -21.58 -4.29 -13.14
N GLY B 344 -22.81 -4.38 -12.64
CA GLY B 344 -23.44 -5.68 -12.45
C GLY B 344 -23.70 -6.39 -13.77
N ASP B 345 -24.00 -5.63 -14.82
CA ASP B 345 -24.06 -6.20 -16.16
C ASP B 345 -22.72 -6.81 -16.55
N ARG B 346 -21.61 -6.10 -16.28
CA ARG B 346 -20.31 -6.65 -16.61
C ARG B 346 -20.01 -7.89 -15.77
N GLU B 347 -20.36 -7.87 -14.49
CA GLU B 347 -20.24 -9.06 -13.66
C GLU B 347 -21.17 -10.19 -14.09
N ARG B 348 -22.06 -9.92 -15.05
CA ARG B 348 -23.05 -10.89 -15.48
C ARG B 348 -22.56 -11.67 -16.71
N GLU B 349 -22.09 -10.97 -17.74
CA GLU B 349 -21.36 -11.59 -18.82
C GLU B 349 -20.27 -12.49 -18.23
N ARG B 350 -19.29 -11.87 -17.59
CA ARG B 350 -18.16 -12.57 -16.99
C ARG B 350 -18.56 -13.70 -16.03
N GLY B 351 -19.84 -13.82 -15.67
CA GLY B 351 -20.26 -14.95 -14.88
C GLY B 351 -19.84 -14.90 -13.42
N MET B 352 -19.59 -13.71 -12.89
CA MET B 352 -19.18 -13.56 -11.49
C MET B 352 -20.40 -13.37 -10.60
N GLU B 353 -20.19 -13.58 -9.30
CA GLU B 353 -21.23 -13.26 -8.32
C GLU B 353 -21.52 -11.76 -8.32
N ILE B 354 -22.73 -11.40 -8.78
CA ILE B 354 -23.11 -10.00 -8.91
C ILE B 354 -23.04 -9.30 -7.57
N SER B 355 -22.35 -8.16 -7.55
CA SER B 355 -22.12 -7.47 -6.29
C SER B 355 -23.44 -6.89 -5.75
N PRO B 356 -23.57 -6.79 -4.44
CA PRO B 356 -24.78 -6.17 -3.87
C PRO B 356 -25.07 -4.84 -4.55
N MET B 357 -26.37 -4.59 -4.80
CA MET B 357 -26.90 -3.37 -5.37
C MET B 357 -26.55 -3.16 -6.83
N CYS B 358 -25.95 -4.16 -7.50
CA CYS B 358 -25.57 -4.03 -8.90
C CYS B 358 -26.47 -4.83 -9.85
N ASP B 359 -27.42 -5.62 -9.33
CA ASP B 359 -28.33 -6.42 -10.15
C ASP B 359 -29.61 -5.63 -10.42
N LYS B 360 -29.73 -5.05 -11.62
CA LYS B 360 -30.94 -4.30 -11.95
C LYS B 360 -32.19 -5.17 -11.87
N HIS B 361 -32.05 -6.48 -12.11
CA HIS B 361 -33.20 -7.38 -12.12
C HIS B 361 -33.72 -7.74 -10.74
N ASN B 362 -32.94 -7.49 -9.69
CA ASN B 362 -33.36 -7.75 -8.31
C ASN B 362 -33.07 -6.55 -7.42
N ALA B 363 -33.10 -5.34 -7.98
CA ALA B 363 -32.70 -4.15 -7.25
C ALA B 363 -33.84 -3.56 -6.44
N SER B 364 -33.49 -2.91 -5.33
CA SER B 364 -34.46 -2.23 -4.46
C SER B 364 -33.82 -0.90 -4.08
N VAL B 365 -33.98 0.10 -4.95
CA VAL B 365 -33.15 1.29 -4.88
C VAL B 365 -33.35 2.02 -3.54
N GLU B 366 -34.61 2.05 -3.06
CA GLU B 366 -34.94 2.84 -1.88
C GLU B 366 -34.54 2.11 -0.59
N LYS B 367 -34.82 0.81 -0.50
CA LYS B 367 -34.34 0.03 0.64
C LYS B 367 -32.83 0.14 0.78
N SER B 368 -32.10 0.07 -0.33
CA SER B 368 -30.66 0.20 -0.27
C SER B 368 -30.27 1.53 0.36
N GLN B 369 -30.93 2.62 -0.06
CA GLN B 369 -30.60 3.94 0.47
C GLN B 369 -30.85 4.00 1.99
N VAL B 370 -32.00 3.49 2.43
CA VAL B 370 -32.33 3.46 3.86
C VAL B 370 -31.35 2.57 4.62
N GLY B 371 -31.01 1.41 4.07
CA GLY B 371 -30.00 0.58 4.71
C GLY B 371 -28.66 1.26 4.79
N PHE B 372 -28.23 1.91 3.71
CA PHE B 372 -26.92 2.57 3.69
C PHE B 372 -26.89 3.75 4.65
N ILE B 373 -28.02 4.47 4.78
CA ILE B 373 -28.09 5.55 5.76
C ILE B 373 -27.99 5.00 7.17
N ASP B 374 -28.79 3.98 7.47
CA ASP B 374 -28.87 3.48 8.84
C ASP B 374 -27.53 2.92 9.28
N TYR B 375 -26.84 2.18 8.40
CA TYR B 375 -25.67 1.40 8.79
C TYR B 375 -24.33 2.09 8.55
N ILE B 376 -24.28 3.12 7.71
CA ILE B 376 -23.01 3.76 7.35
C ILE B 376 -23.08 5.28 7.53
N VAL B 377 -24.00 5.93 6.81
CA VAL B 377 -23.97 7.38 6.70
C VAL B 377 -24.44 8.03 7.99
N HIS B 378 -25.45 7.46 8.65
CA HIS B 378 -25.95 8.14 9.84
C HIS B 378 -25.02 7.94 11.03
N PRO B 379 -24.47 6.74 11.29
CA PRO B 379 -23.41 6.65 12.31
C PRO B 379 -22.27 7.63 12.08
N LEU B 380 -21.73 7.66 10.86
CA LEU B 380 -20.66 8.62 10.55
C LEU B 380 -21.09 10.05 10.86
N TRP B 381 -22.26 10.46 10.37
CA TRP B 381 -22.64 11.85 10.53
C TRP B 381 -23.12 12.21 11.94
N GLU B 382 -23.52 11.22 12.74
CA GLU B 382 -23.81 11.50 14.13
C GLU B 382 -22.53 11.75 14.92
N THR B 383 -21.54 10.86 14.75
CA THR B 383 -20.28 11.01 15.46
C THR B 383 -19.57 12.30 15.08
N TRP B 384 -19.60 12.68 13.80
CA TRP B 384 -19.05 13.98 13.43
C TRP B 384 -19.83 15.11 14.08
N ALA B 385 -21.16 14.98 14.16
CA ALA B 385 -21.96 16.06 14.74
C ALA B 385 -21.68 16.20 16.24
N ASP B 386 -21.49 15.07 16.95
CA ASP B 386 -21.01 15.12 18.33
C ASP B 386 -19.69 15.87 18.44
N LEU B 387 -18.74 15.58 17.54
CA LEU B 387 -17.42 16.21 17.58
C LEU B 387 -17.51 17.72 17.41
N VAL B 388 -18.43 18.21 16.56
CA VAL B 388 -18.61 19.64 16.36
C VAL B 388 -19.87 20.16 17.04
N HIS B 389 -20.42 19.39 17.99
CA HIS B 389 -21.66 19.68 18.73
C HIS B 389 -21.78 21.15 19.12
N PRO B 390 -22.86 21.81 18.68
CA PRO B 390 -23.91 21.37 17.75
C PRO B 390 -23.87 22.02 16.35
N ASP B 391 -22.68 22.21 15.77
CA ASP B 391 -22.58 22.96 14.51
C ASP B 391 -23.17 22.23 13.31
N ALA B 392 -23.29 20.90 13.35
CA ALA B 392 -23.74 20.14 12.18
C ALA B 392 -25.20 19.75 12.25
N GLN B 393 -25.96 20.22 13.26
CA GLN B 393 -27.29 19.69 13.50
C GLN B 393 -28.21 19.90 12.30
N ASP B 394 -28.07 21.03 11.61
CA ASP B 394 -28.83 21.29 10.38
C ASP B 394 -28.48 20.30 9.28
N ILE B 395 -27.23 19.82 9.25
CA ILE B 395 -26.85 18.74 8.35
C ILE B 395 -27.48 17.44 8.81
N LEU B 396 -27.35 17.12 10.11
CA LEU B 396 -27.91 15.88 10.62
C LEU B 396 -29.44 15.89 10.54
N ASP B 397 -30.06 17.08 10.59
CA ASP B 397 -31.51 17.18 10.41
C ASP B 397 -31.90 16.82 8.98
N THR B 398 -31.29 17.47 7.98
CA THR B 398 -31.55 17.12 6.59
C THR B 398 -31.36 15.63 6.33
N LEU B 399 -30.32 15.02 6.91
CA LEU B 399 -30.08 13.59 6.72
C LEU B 399 -31.26 12.79 7.24
N GLU B 400 -31.75 13.15 8.43
CA GLU B 400 -32.84 12.39 9.04
C GLU B 400 -34.16 12.59 8.32
N ASP B 401 -34.37 13.76 7.69
CA ASP B 401 -35.55 13.96 6.85
C ASP B 401 -35.47 13.13 5.58
N ASN B 402 -34.30 13.12 4.94
CA ASN B 402 -34.14 12.38 3.71
C ASN B 402 -34.27 10.89 3.95
N ARG B 403 -33.90 10.44 5.15
CA ARG B 403 -34.05 9.03 5.48
C ARG B 403 -35.51 8.68 5.64
N GLU B 404 -36.29 9.57 6.27
CA GLU B 404 -37.71 9.33 6.47
C GLU B 404 -38.45 9.28 5.13
N TRP B 405 -38.12 10.20 4.24
CA TRP B 405 -38.76 10.24 2.92
C TRP B 405 -38.51 8.95 2.14
N TYR B 406 -37.22 8.63 1.92
CA TYR B 406 -36.87 7.37 1.25
C TYR B 406 -37.59 6.19 1.87
N GLN B 407 -37.63 6.12 3.21
CA GLN B 407 -38.39 5.05 3.86
C GLN B 407 -39.88 5.11 3.51
N SER B 408 -40.46 6.30 3.35
CA SER B 408 -41.89 6.35 3.00
C SER B 408 -42.18 5.95 1.55
N THR B 409 -41.17 6.00 0.65
CA THR B 409 -41.35 5.47 -0.70
C THR B 409 -41.40 3.94 -0.74
N ILE B 410 -41.13 3.26 0.35
CA ILE B 410 -41.18 1.80 0.39
C ILE B 410 -42.56 1.39 0.87
N PRO B 411 -43.35 0.63 0.09
CA PRO B 411 -44.57 0.06 0.65
C PRO B 411 -44.26 -1.13 1.55
#